data_8OZC
#
_entry.id   8OZC
#
_cell.length_a   1.00
_cell.length_b   1.00
_cell.length_c   1.00
_cell.angle_alpha   90.00
_cell.angle_beta   90.00
_cell.angle_gamma   90.00
#
_symmetry.space_group_name_H-M   'P 1'
#
loop_
_entity.id
_entity.type
_entity.pdbx_description
1 polymer 'TIR domain-containing protein'
2 polymer 'Piwi domain-containing protein'
#
loop_
_entity_poly.entity_id
_entity_poly.type
_entity_poly.pdbx_seq_one_letter_code
_entity_poly.pdbx_strand_id
1 'polypeptide(L)'
;MRNKIFISHATPDDNDFTRWLALKLIGLGYEVWCDILFLDKGVDFWSNIEKVIREDTCKFLLVSSSYSNQREGVLKELAV
AAKVKKQLKDDKFIIPLAIDEQLSYDDINIDIVRLNAIDFKMSWARGLKDILEAFEKQKVPKEVADASKSNLLYQQIFLH
DKSVIEKEEIYDSNWLSILSFPEELRFHEYNWMLPKRFDVRELTFPAVRYKNYLCTFAWAYDFTYHLPKTETYHKSKTIR
IPTEEILSGSYDSNFIRNAECKRLIVQLLNKAFELRMKDKEVQEYEMSNKTAYWLEKGKLEKDKFEKTMLVGKQKDKNWH
FAISGASKLYPFPVLMISSHIFFTADGKKLIDSSSVQHSSRRRQGKNWWNNTWRTKLLAFIKYLSDDDTSFYLEMGSEEK
VFVSNEPVKFKGNVSYNIPEKNTLEEEAELSGFNQGEDIEELEELIENLEAE
;
A
2 'polypeptide(L)'
;MKELIYIEEPKILFAHGQKCTDARDGLALFGPLNNLYGIKSGVIGTKQGLKIFRDYLDHIQKPIYNSNSITRPMFPGFEA
VFDCKWESTGITFKEVTNEDIGKFLYNSSTHKRTYDLVSLFIDKIISANKNEDENVDVWFVIVPDEIYKYCRPNSVLPKE
MVQTKALMSKSKAKSFRYEPSLFPDINIELKEQEKEAETYNYDAQFHDQFKARLLKHTIPTQIFRESTLAWRDFKNAFGL
PIRDFSKIEGHLAWTISTAAFYKAGGKPWKLSDVRNGVCYLGLVYKKVEKSKNPRNACCAAQMFLDNGDGTVFKGEVGPW
YNPKNGQYHLEPKEAKALLSQSLQSYKEQIGEYPKEVFIHAKTRFNHQEWDAFLEVTPKETNLVGVTISKTKPLKLYKTE
GDYTILRGNAYVVNERSAFLWTVGYVPKIQTALSMEVPNPLFIEINKGEADIKQVLKDILSLTKLNYNACIFADGEPVTL
RFADKIGEILTASTDIKTPPLAFKYYI
;
B
#
# COMPACT_ATOMS: atom_id res chain seq x y z
N MET A 1 -0.53 42.38 -23.86
CA MET A 1 -0.07 43.53 -23.08
C MET A 1 0.81 43.09 -21.92
N ARG A 2 1.11 44.03 -21.01
CA ARG A 2 2.05 43.78 -19.91
C ARG A 2 1.33 43.03 -18.80
N ASN A 3 1.25 41.70 -18.96
CA ASN A 3 0.64 40.85 -17.93
C ASN A 3 1.49 39.61 -17.68
N LYS A 4 2.77 39.67 -18.03
CA LYS A 4 3.70 38.54 -17.84
C LYS A 4 4.52 38.82 -16.59
N ILE A 5 3.97 38.42 -15.44
CA ILE A 5 4.69 38.55 -14.17
C ILE A 5 5.83 37.54 -14.15
N PHE A 6 6.99 37.98 -13.66
CA PHE A 6 8.23 37.24 -13.81
C PHE A 6 8.81 36.88 -12.45
N ILE A 7 9.70 35.88 -12.45
CA ILE A 7 10.36 35.43 -11.23
C ILE A 7 11.70 34.81 -11.61
N SER A 8 12.73 35.11 -10.82
CA SER A 8 14.06 34.55 -11.03
C SER A 8 14.83 34.60 -9.73
N HIS A 9 15.24 33.44 -9.23
CA HIS A 9 15.95 33.33 -7.97
C HIS A 9 16.84 32.08 -8.04
N ALA A 10 17.28 31.59 -6.89
CA ALA A 10 18.13 30.41 -6.84
C ALA A 10 17.31 29.16 -7.18
N THR A 11 16.90 29.04 -8.44
CA THR A 11 16.10 27.89 -8.86
C THR A 11 16.83 26.56 -8.74
N PRO A 12 18.08 26.39 -9.20
CA PRO A 12 18.69 25.06 -9.14
C PRO A 12 19.09 24.62 -7.74
N ASP A 13 19.18 25.56 -6.79
CA ASP A 13 19.59 25.22 -5.43
C ASP A 13 18.39 24.84 -4.56
N ASP A 14 17.43 25.75 -4.42
CA ASP A 14 16.24 25.53 -3.61
C ASP A 14 15.02 25.90 -4.44
N ASN A 15 14.30 24.90 -4.93
CA ASN A 15 13.08 25.07 -5.71
C ASN A 15 11.98 24.16 -5.20
N ASP A 16 11.88 24.03 -3.88
CA ASP A 16 10.94 23.08 -3.29
C ASP A 16 9.48 23.48 -3.53
N PHE A 17 9.22 24.77 -3.76
CA PHE A 17 7.84 25.24 -3.89
C PHE A 17 7.65 26.28 -4.99
N THR A 18 8.65 26.49 -5.85
CA THR A 18 8.48 27.40 -6.97
C THR A 18 7.42 26.89 -7.93
N ARG A 19 7.42 25.59 -8.20
CA ARG A 19 6.38 24.99 -9.03
C ARG A 19 5.01 25.19 -8.40
N TRP A 20 4.91 25.01 -7.08
CA TRP A 20 3.64 25.19 -6.40
C TRP A 20 3.15 26.64 -6.53
N LEU A 21 4.05 27.60 -6.33
CA LEU A 21 3.67 29.00 -6.49
C LEU A 21 3.19 29.28 -7.90
N ALA A 22 3.95 28.81 -8.91
CA ALA A 22 3.59 29.08 -10.29
C ALA A 22 2.24 28.47 -10.64
N LEU A 23 2.02 27.21 -10.25
CA LEU A 23 0.76 26.55 -10.56
C LEU A 23 -0.41 27.21 -9.84
N LYS A 24 -0.21 27.59 -8.58
CA LYS A 24 -1.27 28.27 -7.84
C LYS A 24 -1.64 29.60 -8.50
N LEU A 25 -0.64 30.38 -8.91
CA LEU A 25 -0.95 31.68 -9.48
C LEU A 25 -1.56 31.55 -10.88
N ILE A 26 -1.13 30.57 -11.67
CA ILE A 26 -1.77 30.39 -12.98
C ILE A 26 -3.19 29.88 -12.81
N GLY A 27 -3.43 29.01 -11.82
CA GLY A 27 -4.80 28.64 -11.50
C GLY A 27 -5.63 29.83 -11.05
N LEU A 28 -4.98 30.82 -10.43
CA LEU A 28 -5.63 32.08 -10.11
C LEU A 28 -5.77 32.99 -11.32
N GLY A 29 -5.20 32.61 -12.46
CA GLY A 29 -5.36 33.40 -13.68
C GLY A 29 -4.24 34.38 -13.95
N TYR A 30 -2.99 33.92 -13.98
CA TYR A 30 -1.86 34.78 -14.29
C TYR A 30 -0.95 34.13 -15.32
N GLU A 31 0.18 34.78 -15.63
CA GLU A 31 1.10 34.30 -16.65
C GLU A 31 2.54 34.56 -16.21
N VAL A 32 3.36 33.52 -16.24
CA VAL A 32 4.75 33.59 -15.84
C VAL A 32 5.62 32.90 -16.89
N TRP A 33 6.94 33.00 -16.68
CA TRP A 33 7.93 32.26 -17.46
C TRP A 33 9.16 32.11 -16.59
N CYS A 34 9.65 30.87 -16.47
CA CYS A 34 10.74 30.57 -15.56
C CYS A 34 11.83 29.81 -16.31
N ASP A 35 12.91 29.49 -15.60
CA ASP A 35 14.06 28.80 -16.18
C ASP A 35 13.94 27.29 -16.03
N ILE A 36 13.51 26.82 -14.86
CA ILE A 36 13.46 25.39 -14.58
C ILE A 36 12.10 24.77 -14.85
N LEU A 37 11.07 25.57 -15.10
CA LEU A 37 9.73 25.02 -15.34
C LEU A 37 9.67 24.31 -16.69
N PHE A 38 9.86 25.06 -17.77
CA PHE A 38 9.72 24.51 -19.10
C PHE A 38 10.99 23.76 -19.51
N LEU A 39 10.89 23.04 -20.63
CA LEU A 39 12.01 22.26 -21.13
C LEU A 39 13.06 23.19 -21.72
N ASP A 40 14.04 23.58 -20.91
CA ASP A 40 15.08 24.50 -21.34
C ASP A 40 16.38 24.14 -20.63
N LYS A 41 17.48 24.64 -21.18
CA LYS A 41 18.81 24.38 -20.67
C LYS A 41 19.37 25.64 -20.02
N GLY A 42 20.08 25.46 -18.90
CA GLY A 42 20.66 26.58 -18.19
C GLY A 42 22.01 26.99 -18.73
N VAL A 43 22.09 27.25 -20.02
CA VAL A 43 23.33 27.70 -20.65
C VAL A 43 23.13 29.12 -21.16
N ASP A 44 21.87 29.50 -21.38
CA ASP A 44 21.50 30.84 -21.82
C ASP A 44 20.34 31.38 -21.00
N PHE A 45 20.24 30.95 -19.74
CA PHE A 45 19.10 31.32 -18.91
C PHE A 45 19.05 32.83 -18.65
N TRP A 46 20.20 33.44 -18.33
CA TRP A 46 20.20 34.87 -18.04
C TRP A 46 19.94 35.69 -19.29
N SER A 47 20.49 35.26 -20.43
CA SER A 47 20.21 35.94 -21.69
C SER A 47 18.73 35.86 -22.04
N ASN A 48 18.11 34.69 -21.83
CA ASN A 48 16.68 34.56 -22.07
C ASN A 48 15.89 35.43 -21.11
N ILE A 49 16.33 35.53 -19.86
CA ILE A 49 15.66 36.40 -18.89
C ILE A 49 15.69 37.84 -19.37
N GLU A 50 16.86 38.31 -19.80
CA GLU A 50 16.98 39.68 -20.28
C GLU A 50 16.12 39.90 -21.52
N LYS A 51 16.11 38.93 -22.42
CA LYS A 51 15.34 39.05 -23.66
C LYS A 51 13.84 39.13 -23.37
N VAL A 52 13.33 38.28 -22.49
CA VAL A 52 11.91 38.33 -22.18
C VAL A 52 11.58 39.58 -21.37
N ILE A 53 12.51 40.07 -20.54
CA ILE A 53 12.27 41.28 -19.78
C ILE A 53 12.16 42.48 -20.72
N ARG A 54 13.07 42.58 -21.69
CA ARG A 54 13.02 43.69 -22.63
C ARG A 54 11.86 43.56 -23.61
N GLU A 55 11.35 42.34 -23.85
CA GLU A 55 10.18 42.23 -24.72
C GLU A 55 8.89 42.53 -23.98
N ASP A 56 8.56 41.72 -22.97
CA ASP A 56 7.26 41.84 -22.30
C ASP A 56 7.37 41.30 -20.88
N THR A 57 7.14 42.17 -19.89
CA THR A 57 7.02 41.76 -18.50
C THR A 57 6.34 42.89 -17.74
N CYS A 58 5.64 42.52 -16.66
CA CYS A 58 4.95 43.50 -15.84
C CYS A 58 5.54 43.60 -14.44
N LYS A 59 5.54 42.51 -13.67
CA LYS A 59 6.04 42.50 -12.30
C LYS A 59 7.16 41.48 -12.18
N PHE A 60 7.82 41.47 -11.01
CA PHE A 60 8.91 40.54 -10.74
C PHE A 60 8.77 39.97 -9.33
N LEU A 61 9.20 38.72 -9.18
CA LEU A 61 9.25 38.04 -7.89
C LEU A 61 10.65 37.52 -7.64
N LEU A 62 11.14 37.69 -6.42
CA LEU A 62 12.42 37.15 -6.00
C LEU A 62 12.25 36.45 -4.66
N VAL A 63 12.91 35.32 -4.49
CA VAL A 63 12.88 34.55 -3.25
C VAL A 63 14.25 34.63 -2.60
N SER A 64 14.28 35.05 -1.35
CA SER A 64 15.52 35.22 -0.61
C SER A 64 15.75 34.04 0.33
N SER A 65 16.92 33.42 0.21
CA SER A 65 17.28 32.29 1.06
C SER A 65 18.79 32.30 1.25
N SER A 66 19.29 31.29 1.98
CA SER A 66 20.72 31.21 2.24
C SER A 66 21.52 30.87 0.99
N TYR A 67 20.91 30.19 0.02
CA TYR A 67 21.62 29.80 -1.19
C TYR A 67 21.57 30.85 -2.28
N SER A 68 20.75 31.89 -2.12
CA SER A 68 20.63 32.96 -3.11
C SER A 68 21.48 34.18 -2.76
N ASN A 69 22.60 33.99 -2.07
CA ASN A 69 23.48 35.08 -1.68
C ASN A 69 24.89 34.93 -2.24
N GLN A 70 25.44 33.71 -2.20
CA GLN A 70 26.82 33.48 -2.63
C GLN A 70 26.98 33.37 -4.14
N ARG A 71 25.99 33.78 -4.92
CA ARG A 71 26.06 33.72 -6.37
C ARG A 71 25.87 35.11 -6.95
N GLU A 72 26.58 35.38 -8.05
CA GLU A 72 26.45 36.67 -8.73
C GLU A 72 25.14 36.80 -9.49
N GLY A 73 24.43 35.69 -9.72
CA GLY A 73 23.20 35.75 -10.48
C GLY A 73 22.14 36.60 -9.81
N VAL A 74 21.99 36.44 -8.49
CA VAL A 74 20.97 37.18 -7.76
C VAL A 74 21.26 38.67 -7.83
N LEU A 75 22.52 39.07 -7.61
CA LEU A 75 22.85 40.48 -7.61
C LEU A 75 22.75 41.09 -9.00
N LYS A 76 23.17 40.36 -10.04
CA LYS A 76 23.06 40.92 -11.38
C LYS A 76 21.61 41.05 -11.81
N GLU A 77 20.76 40.07 -11.45
CA GLU A 77 19.34 40.19 -11.75
C GLU A 77 18.70 41.32 -10.96
N LEU A 78 19.13 41.53 -9.71
CA LEU A 78 18.61 42.66 -8.94
C LEU A 78 19.00 43.99 -9.58
N ALA A 79 20.25 44.11 -10.05
CA ALA A 79 20.67 45.33 -10.73
C ALA A 79 19.88 45.53 -12.03
N VAL A 80 19.63 44.44 -12.76
CA VAL A 80 18.85 44.54 -13.99
C VAL A 80 17.43 45.01 -13.67
N ALA A 81 16.82 44.46 -12.62
CA ALA A 81 15.49 44.89 -12.23
C ALA A 81 15.49 46.35 -11.81
N ALA A 82 16.53 46.79 -11.11
CA ALA A 82 16.64 48.20 -10.72
C ALA A 82 16.70 49.09 -11.95
N LYS A 83 17.50 48.71 -12.94
CA LYS A 83 17.59 49.50 -14.16
C LYS A 83 16.25 49.52 -14.90
N VAL A 84 15.58 48.38 -14.96
CA VAL A 84 14.30 48.29 -15.66
C VAL A 84 13.26 49.17 -14.99
N LYS A 85 13.18 49.12 -13.66
CA LYS A 85 12.19 49.95 -12.97
C LYS A 85 12.55 51.43 -13.04
N LYS A 86 13.84 51.76 -13.09
CA LYS A 86 14.24 53.15 -13.28
C LYS A 86 13.81 53.65 -14.66
N GLN A 87 13.99 52.81 -15.69
CA GLN A 87 13.59 53.22 -17.04
C GLN A 87 12.08 53.28 -17.20
N LEU A 88 11.35 52.37 -16.57
CA LEU A 88 9.90 52.30 -16.68
C LEU A 88 9.17 53.16 -15.65
N LYS A 89 9.89 53.76 -14.72
CA LYS A 89 9.31 54.57 -13.64
C LYS A 89 8.27 53.76 -12.86
N ASP A 90 8.75 52.68 -12.24
CA ASP A 90 7.91 51.79 -11.45
C ASP A 90 8.43 51.80 -10.01
N ASP A 91 7.58 52.23 -9.08
CA ASP A 91 7.92 52.25 -7.66
C ASP A 91 7.58 50.96 -6.94
N LYS A 92 6.89 50.03 -7.60
CA LYS A 92 6.56 48.72 -7.04
C LYS A 92 6.78 47.69 -8.16
N PHE A 93 8.00 47.16 -8.24
CA PHE A 93 8.37 46.25 -9.30
C PHE A 93 8.66 44.83 -8.80
N ILE A 94 9.55 44.67 -7.83
CA ILE A 94 9.93 43.36 -7.34
C ILE A 94 9.32 43.15 -5.96
N ILE A 95 9.19 41.88 -5.59
CA ILE A 95 8.62 41.49 -4.31
C ILE A 95 9.53 40.42 -3.71
N PRO A 96 10.16 40.66 -2.56
CA PRO A 96 11.06 39.66 -1.97
C PRO A 96 10.27 38.60 -1.19
N LEU A 97 10.58 37.34 -1.45
CA LEU A 97 9.91 36.22 -0.79
C LEU A 97 10.88 35.66 0.23
N ALA A 98 10.84 36.23 1.44
CA ALA A 98 11.80 35.88 2.50
C ALA A 98 11.41 34.54 3.11
N ILE A 99 12.05 33.48 2.60
CA ILE A 99 11.76 32.13 3.08
C ILE A 99 12.84 31.59 4.01
N ASP A 100 14.00 32.21 4.07
CA ASP A 100 15.09 31.73 4.91
C ASP A 100 14.70 31.77 6.38
N GLU A 101 15.12 30.75 7.12
CA GLU A 101 14.77 30.60 8.53
C GLU A 101 15.91 31.00 9.46
N GLN A 102 17.12 30.52 9.20
CA GLN A 102 18.25 30.85 10.07
C GLN A 102 18.75 32.27 9.85
N LEU A 103 18.52 32.83 8.66
CA LEU A 103 19.01 34.15 8.30
C LEU A 103 17.85 35.12 8.13
N SER A 104 17.98 36.30 8.73
CA SER A 104 16.98 37.35 8.62
C SER A 104 17.29 38.31 7.47
N TYR A 105 18.48 38.89 7.47
CA TYR A 105 18.91 39.79 6.40
C TYR A 105 20.42 39.82 6.36
N ASP A 106 20.98 39.74 5.15
CA ASP A 106 22.43 39.63 4.98
C ASP A 106 23.03 40.80 4.22
N ASP A 107 22.47 41.15 3.07
CA ASP A 107 23.04 42.19 2.21
C ASP A 107 22.01 43.29 2.00
N ILE A 108 22.42 44.53 2.25
CA ILE A 108 21.55 45.68 2.06
C ILE A 108 21.71 46.21 0.65
N ASN A 109 20.60 46.40 -0.05
CA ASN A 109 20.61 46.89 -1.42
C ASN A 109 19.58 48.01 -1.58
N ILE A 110 19.75 48.81 -2.62
CA ILE A 110 18.86 49.92 -2.91
C ILE A 110 17.51 49.40 -3.42
N ASP A 111 17.44 48.08 -3.65
CA ASP A 111 16.22 47.45 -4.13
C ASP A 111 15.08 47.51 -3.14
N ILE A 112 15.37 47.85 -1.87
CA ILE A 112 14.32 47.95 -0.86
C ILE A 112 13.32 49.06 -1.19
N VAL A 113 13.75 50.06 -1.97
CA VAL A 113 12.89 51.21 -2.25
C VAL A 113 11.64 50.78 -3.01
N ARG A 114 11.78 49.91 -4.01
CA ARG A 114 10.64 49.50 -4.82
C ARG A 114 9.84 48.37 -4.21
N LEU A 115 10.31 47.76 -3.12
CA LEU A 115 9.60 46.69 -2.45
C LEU A 115 9.16 47.15 -1.06
N ASN A 116 8.57 46.22 -0.32
CA ASN A 116 8.13 46.47 1.05
C ASN A 116 8.64 45.35 1.94
N ALA A 117 8.74 45.64 3.24
CA ALA A 117 9.24 44.69 4.22
C ALA A 117 8.12 43.70 4.54
N ILE A 118 8.21 42.49 4.00
CA ILE A 118 7.24 41.43 4.25
C ILE A 118 7.99 40.21 4.76
N ASP A 119 7.44 39.58 5.80
CA ASP A 119 8.05 38.42 6.42
C ASP A 119 7.25 37.18 6.07
N PHE A 120 7.90 36.23 5.41
CA PHE A 120 7.26 34.97 5.05
C PHE A 120 7.82 33.80 5.87
N LYS A 121 8.57 34.08 6.94
CA LYS A 121 9.13 33.03 7.77
C LYS A 121 8.05 32.18 8.44
N MET A 122 6.94 32.78 8.86
CA MET A 122 5.97 32.05 9.67
C MET A 122 4.98 31.28 8.81
N SER A 123 4.27 31.97 7.92
CA SER A 123 3.19 31.35 7.16
C SER A 123 3.21 31.84 5.73
N TRP A 124 2.58 31.06 4.85
CA TRP A 124 2.46 31.37 3.44
C TRP A 124 1.09 31.87 3.04
N ALA A 125 0.04 31.51 3.77
CA ALA A 125 -1.30 31.98 3.43
C ALA A 125 -1.41 33.49 3.56
N ARG A 126 -0.84 34.04 4.63
CA ARG A 126 -0.86 35.49 4.81
C ARG A 126 -0.12 36.19 3.68
N GLY A 127 1.04 35.68 3.29
CA GLY A 127 1.77 36.28 2.19
C GLY A 127 1.05 36.18 0.88
N LEU A 128 0.39 35.05 0.63
CA LEU A 128 -0.40 34.90 -0.59
C LEU A 128 -1.56 35.88 -0.61
N LYS A 129 -2.26 36.02 0.52
CA LYS A 129 -3.33 37.01 0.58
C LYS A 129 -2.78 38.41 0.31
N ASP A 130 -1.64 38.74 0.93
CA ASP A 130 -1.05 40.06 0.77
C ASP A 130 -0.69 40.34 -0.69
N ILE A 131 -0.10 39.36 -1.37
CA ILE A 131 0.25 39.58 -2.77
C ILE A 131 -1.01 39.67 -3.61
N LEU A 132 -2.10 39.03 -3.18
CA LEU A 132 -3.37 39.21 -3.88
C LEU A 132 -3.89 40.64 -3.79
N GLU A 133 -3.88 41.25 -2.60
CA GLU A 133 -4.31 42.66 -2.66
C GLU A 133 -3.23 43.53 -3.29
N ALA A 134 -1.98 43.05 -3.36
CA ALA A 134 -0.98 43.76 -4.15
C ALA A 134 -1.36 43.81 -5.62
N PHE A 135 -1.83 42.68 -6.16
CA PHE A 135 -2.40 42.69 -7.51
C PHE A 135 -3.61 43.61 -7.59
N GLU A 136 -4.50 43.52 -6.60
CA GLU A 136 -5.75 44.26 -6.66
C GLU A 136 -5.57 45.77 -6.48
N LYS A 137 -4.41 46.20 -5.96
CA LYS A 137 -4.20 47.63 -5.74
C LYS A 137 -4.18 48.41 -7.05
N GLN A 138 -3.49 47.88 -8.06
CA GLN A 138 -3.32 48.57 -9.34
C GLN A 138 -4.26 48.06 -10.43
N LYS A 139 -5.26 47.25 -10.06
CA LYS A 139 -6.25 46.71 -11.00
C LYS A 139 -5.57 45.96 -12.14
N VAL A 140 -4.88 44.89 -11.77
CA VAL A 140 -4.19 44.06 -12.76
C VAL A 140 -5.23 43.37 -13.64
N PRO A 141 -5.01 43.26 -14.95
CA PRO A 141 -5.95 42.52 -15.79
C PRO A 141 -5.85 41.01 -15.55
N LYS A 142 -6.35 40.57 -14.41
CA LYS A 142 -6.29 39.14 -14.07
C LYS A 142 -7.21 38.34 -14.99
N GLU A 143 -6.72 37.18 -15.41
CA GLU A 143 -7.48 36.30 -16.29
C GLU A 143 -8.45 35.47 -15.45
N VAL A 144 -9.14 34.54 -16.10
CA VAL A 144 -10.10 33.70 -15.40
C VAL A 144 -9.38 32.75 -14.46
N ALA A 145 -10.03 32.41 -13.35
CA ALA A 145 -9.47 31.52 -12.34
C ALA A 145 -10.01 30.12 -12.60
N ASP A 146 -9.23 29.33 -13.34
CA ASP A 146 -9.58 27.96 -13.68
C ASP A 146 -8.39 27.05 -13.46
N ALA A 147 -8.65 25.86 -12.93
CA ALA A 147 -7.60 24.89 -12.65
C ALA A 147 -7.39 23.89 -13.77
N SER A 148 -8.16 23.99 -14.86
CA SER A 148 -7.99 23.06 -15.97
C SER A 148 -6.63 23.27 -16.65
N LYS A 149 -6.31 24.52 -16.98
CA LYS A 149 -4.99 24.80 -17.55
C LYS A 149 -3.88 24.58 -16.52
N SER A 150 -4.19 24.76 -15.23
CA SER A 150 -3.22 24.42 -14.21
C SER A 150 -2.87 22.94 -14.25
N ASN A 151 -3.88 22.07 -14.37
CA ASN A 151 -3.62 20.65 -14.54
C ASN A 151 -2.82 20.39 -15.82
N LEU A 152 -3.28 20.98 -16.94
CA LEU A 152 -2.60 20.77 -18.22
C LEU A 152 -1.12 21.12 -18.13
N LEU A 153 -0.79 22.18 -17.39
CA LEU A 153 0.61 22.48 -17.11
C LEU A 153 1.22 21.44 -16.18
N TYR A 154 0.43 20.90 -15.25
CA TYR A 154 0.96 19.93 -14.30
C TYR A 154 1.42 18.65 -14.99
N GLN A 155 0.75 18.24 -16.07
CA GLN A 155 1.29 17.17 -16.92
C GLN A 155 2.24 17.70 -17.98
N GLN A 156 2.87 18.86 -17.75
CA GLN A 156 3.88 19.38 -18.66
C GLN A 156 5.21 19.70 -18.00
N ILE A 157 5.26 19.83 -16.67
CA ILE A 157 6.52 20.15 -15.98
C ILE A 157 6.85 19.09 -14.95
N PHE A 158 6.00 18.94 -13.93
CA PHE A 158 6.29 18.07 -12.80
C PHE A 158 6.11 16.63 -13.22
N LEU A 159 7.24 15.94 -13.48
CA LEU A 159 7.26 14.53 -13.87
C LEU A 159 6.40 14.37 -15.13
N HIS A 160 5.77 13.21 -15.28
CA HIS A 160 4.80 12.95 -16.34
C HIS A 160 5.44 12.90 -17.72
N ASP A 161 6.74 13.19 -17.78
CA ASP A 161 7.54 12.92 -18.97
C ASP A 161 8.16 11.54 -18.94
N LYS A 162 8.04 10.83 -17.82
CA LYS A 162 8.60 9.50 -17.65
C LYS A 162 7.51 8.48 -17.30
N SER A 163 6.25 8.77 -17.65
CA SER A 163 5.13 7.94 -17.26
C SER A 163 5.12 6.65 -18.08
N VAL A 164 4.07 5.86 -17.92
CA VAL A 164 3.98 4.58 -18.63
C VAL A 164 3.90 4.83 -20.12
N ILE A 165 4.66 4.04 -20.88
CA ILE A 165 4.73 4.18 -22.33
C ILE A 165 4.62 2.80 -22.96
N GLU A 166 4.21 2.77 -24.23
CA GLU A 166 4.06 1.52 -24.94
C GLU A 166 5.44 0.93 -25.24
N LYS A 167 5.78 -0.16 -24.55
CA LYS A 167 7.06 -0.82 -24.75
C LYS A 167 6.91 -2.28 -24.34
N GLU A 168 7.46 -3.17 -25.17
CA GLU A 168 7.36 -4.60 -24.93
C GLU A 168 8.51 -5.06 -24.03
N GLU A 169 8.16 -5.78 -22.97
CA GLU A 169 9.14 -6.37 -22.08
C GLU A 169 8.80 -7.84 -21.85
N ILE A 170 9.84 -8.65 -21.69
CA ILE A 170 9.70 -10.09 -21.47
C ILE A 170 9.81 -10.36 -19.98
N TYR A 171 8.79 -11.00 -19.41
CA TYR A 171 8.74 -11.29 -17.99
C TYR A 171 8.77 -12.81 -17.79
N ASP A 172 9.71 -13.28 -16.99
CA ASP A 172 9.81 -14.69 -16.65
C ASP A 172 9.20 -14.92 -15.26
N SER A 173 8.23 -15.83 -15.19
CA SER A 173 7.49 -16.08 -13.99
C SER A 173 8.14 -17.20 -13.17
N ASN A 174 7.44 -17.66 -12.15
CA ASN A 174 7.91 -18.75 -11.31
C ASN A 174 7.42 -20.12 -11.75
N TRP A 175 6.45 -20.19 -12.67
CA TRP A 175 5.93 -21.49 -13.06
C TRP A 175 6.95 -22.22 -13.93
N LEU A 176 6.86 -23.55 -13.92
CA LEU A 176 7.73 -24.42 -14.70
C LEU A 176 6.89 -25.13 -15.74
N SER A 177 7.22 -24.93 -17.01
CA SER A 177 6.48 -25.57 -18.09
C SER A 177 6.79 -27.06 -18.14
N ILE A 178 5.80 -27.84 -18.53
CA ILE A 178 5.95 -29.29 -18.71
C ILE A 178 5.60 -29.62 -20.16
N LEU A 179 6.51 -30.32 -20.84
CA LEU A 179 6.31 -30.70 -22.23
C LEU A 179 5.84 -32.15 -22.35
N SER A 180 6.48 -33.05 -21.62
CA SER A 180 6.13 -34.47 -21.67
C SER A 180 5.17 -34.80 -20.54
N PHE A 181 4.05 -35.44 -20.88
CA PHE A 181 3.02 -35.78 -19.92
C PHE A 181 2.67 -37.27 -20.04
N PRO A 182 2.26 -37.90 -18.94
CA PRO A 182 1.87 -39.31 -19.01
C PRO A 182 0.64 -39.51 -19.90
N GLU A 183 0.60 -40.65 -20.59
CA GLU A 183 -0.50 -40.93 -21.50
C GLU A 183 -1.77 -41.26 -20.74
N GLU A 184 -1.70 -42.27 -19.87
CA GLU A 184 -2.85 -42.71 -19.07
C GLU A 184 -2.43 -42.82 -17.62
N LEU A 185 -3.39 -42.60 -16.72
CA LEU A 185 -3.16 -42.72 -15.28
C LEU A 185 -3.68 -44.08 -14.83
N ARG A 186 -2.89 -44.75 -14.00
CA ARG A 186 -3.22 -46.10 -13.53
C ARG A 186 -4.07 -46.01 -12.27
N PHE A 187 -5.32 -46.45 -12.38
CA PHE A 187 -6.24 -46.54 -11.24
C PHE A 187 -6.37 -48.01 -10.89
N HIS A 188 -5.50 -48.49 -10.02
CA HIS A 188 -5.49 -49.90 -9.64
C HIS A 188 -6.58 -50.20 -8.63
N GLU A 189 -7.02 -51.46 -8.58
CA GLU A 189 -8.01 -51.93 -7.62
C GLU A 189 -7.27 -52.77 -6.59
N TYR A 190 -7.04 -52.20 -5.40
CA TYR A 190 -6.33 -52.91 -4.34
C TYR A 190 -7.28 -53.38 -3.25
N ASN A 191 -8.05 -52.47 -2.65
CA ASN A 191 -8.95 -52.79 -1.55
C ASN A 191 -8.20 -53.48 -0.41
N TRP A 192 -8.30 -54.80 -0.36
CA TRP A 192 -7.62 -55.56 0.69
C TRP A 192 -6.13 -55.67 0.44
N MET A 193 -5.69 -55.46 -0.81
CA MET A 193 -4.28 -55.70 -1.16
C MET A 193 -3.39 -54.76 -0.36
N LEU A 194 -3.66 -53.46 -0.41
CA LEU A 194 -3.07 -52.50 0.51
C LEU A 194 -3.99 -52.28 1.70
N PRO A 195 -3.56 -52.61 2.91
CA PRO A 195 -4.34 -52.24 4.10
C PRO A 195 -4.19 -50.75 4.39
N LYS A 196 -5.29 -50.14 4.81
CA LYS A 196 -5.34 -48.68 4.95
C LYS A 196 -4.50 -48.19 6.13
N ARG A 197 -4.19 -49.06 7.09
CA ARG A 197 -3.56 -48.60 8.33
C ARG A 197 -2.04 -48.49 8.19
N PHE A 198 -1.57 -47.78 7.15
CA PHE A 198 -0.17 -47.44 7.00
C PHE A 198 -0.04 -46.09 6.32
N ASP A 199 0.93 -45.30 6.78
CA ASP A 199 1.18 -44.00 6.19
C ASP A 199 1.75 -44.15 4.78
N VAL A 200 1.49 -43.15 3.95
CA VAL A 200 1.89 -43.18 2.54
C VAL A 200 3.11 -42.31 2.27
N ARG A 201 3.45 -41.39 3.18
CA ARG A 201 4.54 -40.44 2.92
C ARG A 201 5.90 -41.13 2.81
N GLU A 202 6.09 -42.28 3.45
CA GLU A 202 7.36 -42.97 3.41
C GLU A 202 7.56 -43.79 2.13
N LEU A 203 6.55 -43.89 1.29
CA LEU A 203 6.65 -44.68 0.07
C LEU A 203 7.61 -44.03 -0.92
N THR A 204 8.44 -44.85 -1.56
CA THR A 204 9.45 -44.34 -2.48
C THR A 204 8.81 -43.66 -3.68
N PHE A 205 7.79 -44.27 -4.24
CA PHE A 205 7.19 -43.62 -5.39
C PHE A 205 5.91 -42.88 -4.98
N PRO A 206 5.55 -41.82 -5.72
CA PRO A 206 4.35 -41.06 -5.37
C PRO A 206 3.10 -41.93 -5.37
N ALA A 207 2.24 -41.69 -4.39
CA ALA A 207 0.98 -42.43 -4.27
C ALA A 207 0.03 -41.65 -3.38
N VAL A 208 -1.24 -41.58 -3.81
CA VAL A 208 -2.30 -40.94 -3.04
C VAL A 208 -3.43 -41.94 -2.89
N ARG A 209 -3.84 -42.20 -1.65
CA ARG A 209 -4.90 -43.16 -1.40
C ARG A 209 -6.26 -42.49 -1.52
N TYR A 210 -7.18 -43.16 -2.24
CA TYR A 210 -8.55 -42.68 -2.41
C TYR A 210 -9.46 -43.90 -2.30
N LYS A 211 -10.09 -44.05 -1.13
CA LYS A 211 -10.98 -45.18 -0.85
C LYS A 211 -10.26 -46.50 -1.11
N ASN A 212 -10.48 -47.07 -2.29
CA ASN A 212 -9.83 -48.31 -2.69
C ASN A 212 -8.95 -48.18 -3.93
N TYR A 213 -8.98 -47.03 -4.61
CA TYR A 213 -8.22 -46.81 -5.82
C TYR A 213 -6.99 -45.97 -5.51
N LEU A 214 -5.82 -46.47 -5.89
CA LEU A 214 -4.55 -45.77 -5.65
C LEU A 214 -4.21 -44.99 -6.90
N CYS A 215 -4.32 -43.67 -6.82
CA CYS A 215 -4.02 -42.78 -7.94
C CYS A 215 -2.51 -42.62 -8.02
N THR A 216 -1.87 -43.37 -8.92
CA THR A 216 -0.43 -43.29 -9.11
C THR A 216 -0.10 -43.72 -10.53
N PHE A 217 0.99 -43.18 -11.05
CA PHE A 217 1.49 -43.53 -12.37
C PHE A 217 2.46 -44.71 -12.35
N ALA A 218 2.98 -45.07 -11.19
CA ALA A 218 3.95 -46.15 -11.11
C ALA A 218 3.31 -47.49 -11.39
N TRP A 219 4.13 -48.45 -11.81
CA TRP A 219 3.64 -49.79 -12.10
C TRP A 219 3.14 -50.46 -10.83
N ALA A 220 2.19 -51.39 -11.02
CA ALA A 220 1.64 -52.11 -9.87
C ALA A 220 2.70 -52.95 -9.17
N TYR A 221 3.71 -53.41 -9.91
CA TYR A 221 4.80 -54.20 -9.33
C TYR A 221 5.98 -53.33 -8.89
N ASP A 222 5.91 -52.02 -9.09
CA ASP A 222 7.00 -51.14 -8.68
C ASP A 222 7.13 -51.10 -7.16
N PHE A 223 6.04 -51.31 -6.43
CA PHE A 223 6.03 -51.19 -4.98
C PHE A 223 6.32 -52.53 -4.32
N THR A 224 7.45 -53.14 -4.70
CA THR A 224 7.76 -54.48 -4.23
C THR A 224 8.54 -54.45 -2.91
N TYR A 225 9.55 -53.59 -2.80
CA TYR A 225 10.38 -53.57 -1.60
C TYR A 225 9.56 -53.14 -0.38
N HIS A 226 8.73 -52.12 -0.52
CA HIS A 226 7.93 -51.65 0.60
C HIS A 226 6.83 -52.64 0.95
N LEU A 227 6.23 -53.27 -0.04
CA LEU A 227 5.22 -54.29 0.22
C LEU A 227 5.54 -55.54 -0.59
N PRO A 228 6.05 -56.60 0.07
CA PRO A 228 6.49 -57.79 -0.69
C PRO A 228 5.35 -58.57 -1.34
N LYS A 229 4.12 -58.43 -0.84
CA LYS A 229 2.99 -59.22 -1.34
C LYS A 229 2.30 -58.56 -2.53
N THR A 230 2.97 -57.63 -3.21
CA THR A 230 2.40 -56.99 -4.40
C THR A 230 2.50 -57.84 -5.64
N GLU A 231 3.24 -58.95 -5.60
CA GLU A 231 3.39 -59.80 -6.78
C GLU A 231 2.08 -60.47 -7.19
N THR A 232 1.17 -60.69 -6.25
CA THR A 232 -0.11 -61.34 -6.53
C THR A 232 -1.12 -60.25 -6.86
N TYR A 233 -1.21 -59.89 -8.15
CA TYR A 233 -2.12 -58.85 -8.60
C TYR A 233 -2.44 -59.09 -10.07
N HIS A 234 -3.72 -59.02 -10.41
CA HIS A 234 -4.16 -59.21 -11.79
C HIS A 234 -4.05 -57.90 -12.55
N LYS A 235 -3.59 -57.99 -13.80
CA LYS A 235 -3.34 -56.80 -14.60
C LYS A 235 -4.63 -56.06 -14.92
N SER A 236 -5.71 -56.79 -15.20
CA SER A 236 -6.98 -56.16 -15.57
C SER A 236 -7.55 -55.30 -14.45
N LYS A 237 -7.18 -55.56 -13.20
CA LYS A 237 -7.65 -54.72 -12.10
C LYS A 237 -7.09 -53.31 -12.18
N THR A 238 -5.99 -53.10 -12.91
CA THR A 238 -5.45 -51.77 -13.14
C THR A 238 -6.32 -51.07 -14.17
N ILE A 239 -7.19 -50.18 -13.71
CA ILE A 239 -8.07 -49.45 -14.61
C ILE A 239 -7.31 -48.23 -15.12
N ARG A 240 -7.23 -48.10 -16.44
CA ARG A 240 -6.44 -47.05 -17.08
C ARG A 240 -7.37 -46.06 -17.75
N ILE A 241 -7.17 -44.77 -17.46
CA ILE A 241 -7.90 -43.69 -18.11
C ILE A 241 -6.90 -42.66 -18.62
N PRO A 242 -7.00 -42.24 -19.88
CA PRO A 242 -6.08 -41.19 -20.37
C PRO A 242 -6.26 -39.90 -19.58
N THR A 243 -5.13 -39.24 -19.31
CA THR A 243 -5.16 -37.99 -18.55
C THR A 243 -5.57 -36.79 -19.39
N GLU A 244 -5.47 -36.88 -20.72
CA GLU A 244 -5.86 -35.76 -21.56
C GLU A 244 -7.36 -35.52 -21.51
N GLU A 245 -8.16 -36.57 -21.40
CA GLU A 245 -9.60 -36.38 -21.24
C GLU A 245 -9.92 -35.71 -19.92
N ILE A 246 -9.20 -36.07 -18.85
CA ILE A 246 -9.40 -35.41 -17.55
C ILE A 246 -9.01 -33.94 -17.63
N LEU A 247 -7.90 -33.64 -18.32
CA LEU A 247 -7.49 -32.26 -18.49
C LEU A 247 -8.51 -31.46 -19.29
N SER A 248 -9.08 -32.09 -20.33
CA SER A 248 -10.09 -31.44 -21.16
C SER A 248 -11.47 -31.41 -20.50
N GLY A 249 -11.63 -32.04 -19.34
CA GLY A 249 -12.91 -32.09 -18.67
C GLY A 249 -13.95 -32.90 -19.43
N SER A 250 -13.51 -34.03 -19.99
CA SER A 250 -14.40 -34.90 -20.77
C SER A 250 -14.70 -36.22 -20.08
N TYR A 251 -13.86 -36.65 -19.14
CA TYR A 251 -14.05 -37.91 -18.44
C TYR A 251 -14.61 -37.62 -17.05
N ASP A 252 -15.90 -37.88 -16.86
CA ASP A 252 -16.55 -37.64 -15.57
C ASP A 252 -17.65 -38.67 -15.40
N SER A 253 -17.62 -39.39 -14.27
CA SER A 253 -18.61 -40.41 -13.97
C SER A 253 -18.71 -40.55 -12.46
N ASN A 254 -19.40 -41.60 -12.01
CA ASN A 254 -19.49 -41.86 -10.58
C ASN A 254 -18.17 -42.33 -10.00
N PHE A 255 -17.36 -43.03 -10.80
CA PHE A 255 -16.08 -43.52 -10.31
C PHE A 255 -15.15 -42.37 -9.92
N ILE A 256 -15.00 -41.40 -10.82
CA ILE A 256 -14.14 -40.26 -10.56
C ILE A 256 -14.74 -39.04 -11.26
N ARG A 257 -14.38 -37.86 -10.77
CA ARG A 257 -14.94 -36.61 -11.25
C ARG A 257 -13.83 -35.73 -11.80
N ASN A 258 -14.17 -34.93 -12.81
CA ASN A 258 -13.18 -34.02 -13.40
C ASN A 258 -12.69 -33.01 -12.38
N ALA A 259 -13.60 -32.46 -11.58
CA ALA A 259 -13.21 -31.50 -10.55
C ALA A 259 -12.51 -32.17 -9.37
N GLU A 260 -12.61 -33.49 -9.22
CA GLU A 260 -11.98 -34.20 -8.12
C GLU A 260 -10.70 -34.93 -8.53
N CYS A 261 -10.58 -35.33 -9.80
CA CYS A 261 -9.36 -35.98 -10.25
C CYS A 261 -8.19 -35.02 -10.36
N LYS A 262 -8.47 -33.72 -10.52
CA LYS A 262 -7.39 -32.75 -10.67
C LYS A 262 -6.61 -32.56 -9.38
N ARG A 263 -7.29 -32.58 -8.24
CA ARG A 263 -6.64 -32.31 -6.97
C ARG A 263 -5.77 -33.47 -6.51
N LEU A 264 -6.10 -34.70 -6.90
CA LEU A 264 -5.29 -35.85 -6.50
C LEU A 264 -3.93 -35.84 -7.18
N ILE A 265 -3.86 -35.39 -8.43
CA ILE A 265 -2.59 -35.33 -9.15
C ILE A 265 -1.66 -34.30 -8.52
N VAL A 266 -2.22 -33.23 -7.93
CA VAL A 266 -1.40 -32.17 -7.36
C VAL A 266 -0.53 -32.71 -6.22
N GLN A 267 -1.11 -33.52 -5.34
CA GLN A 267 -0.33 -34.10 -4.25
C GLN A 267 0.76 -35.02 -4.79
N LEU A 268 0.46 -35.73 -5.88
CA LEU A 268 1.46 -36.62 -6.49
C LEU A 268 2.67 -35.83 -6.95
N LEU A 269 2.44 -34.68 -7.61
CA LEU A 269 3.55 -33.87 -8.11
C LEU A 269 4.38 -33.32 -6.95
N ASN A 270 3.71 -32.87 -5.88
CA ASN A 270 4.44 -32.38 -4.71
C ASN A 270 5.29 -33.48 -4.10
N LYS A 271 4.73 -34.68 -3.95
CA LYS A 271 5.48 -35.79 -3.38
C LYS A 271 6.69 -36.13 -4.24
N ALA A 272 6.49 -36.18 -5.56
CA ALA A 272 7.62 -36.38 -6.46
C ALA A 272 8.62 -35.25 -6.33
N PHE A 273 8.17 -34.05 -5.95
CA PHE A 273 9.08 -32.92 -5.81
C PHE A 273 10.00 -33.11 -4.60
N GLU A 274 9.44 -33.53 -3.45
CA GLU A 274 10.38 -33.77 -2.35
C GLU A 274 11.24 -35.01 -2.62
N LEU A 275 10.72 -35.98 -3.37
CA LEU A 275 11.57 -37.09 -3.78
C LEU A 275 12.73 -36.59 -4.64
N ARG A 276 12.46 -35.66 -5.55
CA ARG A 276 13.52 -35.11 -6.41
C ARG A 276 14.55 -34.34 -5.59
N MET A 277 14.11 -33.55 -4.61
CA MET A 277 15.10 -32.80 -3.83
C MET A 277 15.93 -33.74 -2.97
N LYS A 278 15.29 -34.72 -2.32
CA LYS A 278 16.05 -35.66 -1.50
C LYS A 278 16.95 -36.54 -2.36
N ASP A 279 16.68 -36.64 -3.67
CA ASP A 279 17.65 -37.23 -4.57
C ASP A 279 18.95 -36.42 -4.57
N LYS A 280 18.84 -35.10 -4.43
CA LYS A 280 20.00 -34.21 -4.42
C LYS A 280 20.68 -34.11 -3.05
N GLU A 281 20.07 -34.68 -2.01
CA GLU A 281 20.65 -34.74 -0.67
C GLU A 281 20.96 -33.33 -0.13
N VAL A 282 19.88 -32.58 0.08
CA VAL A 282 19.97 -31.26 0.69
C VAL A 282 19.38 -31.32 2.10
N GLN A 283 19.63 -30.28 2.89
CA GLN A 283 19.14 -30.24 4.26
C GLN A 283 17.68 -29.79 4.30
N GLU A 284 16.96 -30.26 5.30
CA GLU A 284 15.51 -30.12 5.39
C GLU A 284 15.15 -29.19 6.54
N TYR A 285 14.20 -28.28 6.29
CA TYR A 285 13.71 -27.35 7.31
C TYR A 285 12.23 -27.10 7.09
N GLU A 286 11.39 -27.63 7.99
CA GLU A 286 9.97 -27.37 7.96
C GLU A 286 9.71 -26.06 8.69
N MET A 287 9.20 -25.05 7.98
CA MET A 287 9.01 -23.73 8.59
C MET A 287 7.60 -23.57 9.17
N SER A 288 6.56 -23.60 8.32
CA SER A 288 5.22 -23.81 8.86
C SER A 288 4.51 -24.98 8.21
N ASN A 289 4.32 -24.91 6.89
CA ASN A 289 3.68 -25.96 6.11
C ASN A 289 4.43 -26.28 4.83
N LYS A 290 5.01 -25.28 4.17
CA LYS A 290 5.72 -25.45 2.91
C LYS A 290 7.21 -25.33 3.17
N THR A 291 7.98 -26.30 2.66
CA THR A 291 9.40 -26.39 2.96
C THR A 291 10.21 -25.67 1.89
N ALA A 292 11.11 -24.81 2.32
CA ALA A 292 12.05 -24.15 1.42
C ALA A 292 13.32 -24.99 1.31
N TYR A 293 13.83 -25.10 0.09
CA TYR A 293 14.91 -26.03 -0.22
C TYR A 293 16.19 -25.23 -0.42
N TRP A 294 17.23 -25.56 0.33
CA TRP A 294 18.46 -24.78 0.31
C TRP A 294 19.66 -25.69 0.51
N LEU A 295 20.81 -25.22 0.02
CA LEU A 295 22.05 -25.98 0.02
C LEU A 295 22.96 -25.50 1.14
N GLU A 296 23.52 -26.45 1.88
CA GLU A 296 24.26 -26.15 3.10
C GLU A 296 25.75 -26.02 2.83
N LYS A 297 26.52 -25.84 3.90
CA LYS A 297 27.94 -25.53 3.77
C LYS A 297 28.72 -26.73 3.23
N GLY A 298 29.75 -26.44 2.44
CA GLY A 298 30.63 -27.49 1.94
C GLY A 298 29.97 -28.46 0.98
N LYS A 299 29.16 -27.95 0.06
CA LYS A 299 28.53 -28.77 -0.96
C LYS A 299 28.63 -28.19 -2.37
N LEU A 300 29.05 -26.93 -2.52
CA LEU A 300 29.18 -26.32 -3.83
C LEU A 300 30.46 -25.49 -3.85
N GLU A 301 31.03 -25.33 -5.04
CA GLU A 301 32.32 -24.66 -5.16
C GLU A 301 32.19 -23.18 -4.81
N LYS A 302 33.13 -22.69 -4.01
CA LYS A 302 33.16 -21.31 -3.53
C LYS A 302 31.84 -20.88 -2.89
N ASP A 303 31.05 -21.86 -2.43
CA ASP A 303 29.72 -21.60 -1.87
C ASP A 303 28.86 -20.77 -2.82
N LYS A 304 29.00 -21.03 -4.11
CA LYS A 304 28.29 -20.25 -5.13
C LYS A 304 28.25 -21.08 -6.41
N PHE A 305 27.59 -20.52 -7.43
CA PHE A 305 27.46 -21.18 -8.72
C PHE A 305 27.36 -20.14 -9.81
N GLU A 306 27.72 -20.55 -11.03
CA GLU A 306 27.67 -19.68 -12.21
C GLU A 306 28.46 -18.40 -11.98
N LYS A 307 27.76 -17.32 -11.66
CA LYS A 307 28.41 -16.04 -11.41
C LYS A 307 27.83 -15.31 -10.20
N THR A 308 26.98 -15.96 -9.42
CA THR A 308 26.34 -15.32 -8.27
C THR A 308 26.57 -16.18 -7.02
N MET A 309 26.55 -15.51 -5.87
CA MET A 309 26.83 -16.15 -4.59
C MET A 309 25.53 -16.57 -3.91
N LEU A 310 25.47 -17.84 -3.50
CA LEU A 310 24.30 -18.41 -2.85
C LEU A 310 24.47 -18.57 -1.35
N VAL A 311 25.52 -19.27 -0.92
CA VAL A 311 25.83 -19.39 0.51
C VAL A 311 26.79 -18.28 0.89
N GLY A 312 26.25 -17.12 1.29
CA GLY A 312 27.04 -15.97 1.61
C GLY A 312 27.29 -15.82 3.10
N LYS A 313 28.00 -14.75 3.45
CA LYS A 313 28.34 -14.45 4.83
C LYS A 313 28.04 -12.98 5.11
N GLN A 314 27.42 -12.72 6.26
CA GLN A 314 27.10 -11.36 6.68
C GLN A 314 27.43 -11.25 8.17
N LYS A 315 28.46 -10.48 8.48
CA LYS A 315 28.93 -10.27 9.86
C LYS A 315 29.26 -11.65 10.43
N ASP A 316 28.78 -12.01 11.61
CA ASP A 316 29.04 -13.33 12.17
C ASP A 316 27.99 -14.36 11.77
N LYS A 317 27.04 -13.99 10.91
CA LYS A 317 25.94 -14.86 10.54
C LYS A 317 26.12 -15.35 9.10
N ASN A 318 25.71 -16.59 8.86
CA ASN A 318 25.78 -17.21 7.55
C ASN A 318 24.38 -17.22 6.94
N TRP A 319 24.18 -16.43 5.89
CA TRP A 319 22.90 -16.37 5.21
C TRP A 319 22.92 -17.30 3.99
N HIS A 320 21.78 -17.95 3.76
CA HIS A 320 21.64 -18.90 2.66
C HIS A 320 20.44 -18.53 1.82
N PHE A 321 20.32 -19.20 0.67
CA PHE A 321 19.25 -18.95 -0.30
C PHE A 321 18.39 -20.19 -0.38
N ALA A 322 17.11 -20.05 -0.03
CA ALA A 322 16.18 -21.17 0.04
C ALA A 322 15.06 -21.02 -0.98
N ILE A 323 14.59 -22.16 -1.49
CA ILE A 323 13.55 -22.20 -2.52
C ILE A 323 12.48 -23.18 -2.09
N SER A 324 11.22 -22.74 -2.10
CA SER A 324 10.08 -23.58 -1.75
C SER A 324 9.23 -23.81 -2.99
N GLY A 325 8.89 -25.07 -3.25
CA GLY A 325 8.13 -25.41 -4.45
C GLY A 325 6.76 -25.97 -4.18
N ALA A 326 5.86 -25.80 -5.16
CA ALA A 326 4.50 -26.34 -5.08
C ALA A 326 4.04 -26.67 -6.49
N SER A 327 2.83 -27.23 -6.59
CA SER A 327 2.28 -27.63 -7.88
C SER A 327 0.86 -27.13 -8.01
N LYS A 328 0.50 -26.63 -9.19
CA LYS A 328 -0.86 -26.20 -9.48
C LYS A 328 -1.21 -26.61 -10.90
N LEU A 329 -2.34 -27.31 -11.06
CA LEU A 329 -2.76 -27.83 -12.34
C LEU A 329 -4.02 -27.16 -12.89
N TYR A 330 -4.58 -26.18 -12.16
CA TYR A 330 -5.81 -25.55 -12.63
C TYR A 330 -5.60 -24.74 -13.90
N PRO A 331 -4.73 -23.69 -13.92
CA PRO A 331 -4.57 -22.94 -15.17
C PRO A 331 -3.82 -23.77 -16.22
N PHE A 332 -2.69 -24.31 -15.83
CA PHE A 332 -1.86 -25.15 -16.70
C PHE A 332 -1.20 -26.22 -15.83
N PRO A 333 -0.84 -27.36 -16.43
CA PRO A 333 -0.10 -28.37 -15.66
C PRO A 333 1.32 -27.92 -15.38
N VAL A 334 1.49 -27.06 -14.38
CA VAL A 334 2.74 -26.38 -14.11
C VAL A 334 3.07 -26.46 -12.61
N LEU A 335 4.29 -26.04 -12.28
CA LEU A 335 4.85 -26.16 -10.94
C LEU A 335 5.06 -24.77 -10.34
N MET A 336 4.70 -24.62 -9.07
CA MET A 336 4.92 -23.37 -8.35
C MET A 336 6.29 -23.36 -7.68
N ILE A 337 7.00 -22.23 -7.82
CA ILE A 337 8.32 -22.05 -7.23
C ILE A 337 8.32 -20.75 -6.44
N SER A 338 8.82 -20.80 -5.21
CA SER A 338 8.91 -19.64 -4.34
C SER A 338 10.28 -19.62 -3.66
N SER A 339 10.68 -18.43 -3.19
CA SER A 339 11.99 -18.21 -2.63
C SER A 339 11.88 -17.81 -1.16
N HIS A 340 12.91 -18.16 -0.39
CA HIS A 340 12.99 -17.83 1.03
C HIS A 340 14.45 -17.67 1.42
N ILE A 341 14.68 -17.04 2.58
CA ILE A 341 16.01 -16.86 3.13
C ILE A 341 16.01 -17.40 4.55
N PHE A 342 16.96 -18.28 4.86
CA PHE A 342 17.14 -18.83 6.19
C PHE A 342 18.55 -18.55 6.68
N PHE A 343 18.72 -18.52 7.99
CA PHE A 343 19.98 -18.15 8.62
C PHE A 343 20.44 -19.26 9.54
N THR A 344 21.75 -19.52 9.52
CA THR A 344 22.35 -20.60 10.30
C THR A 344 23.41 -20.03 11.23
N ALA A 345 23.43 -20.54 12.47
CA ALA A 345 24.42 -20.08 13.44
C ALA A 345 25.83 -20.46 13.02
N ASP A 346 26.03 -21.69 12.53
CA ASP A 346 27.34 -22.17 12.13
C ASP A 346 27.31 -22.87 10.77
N GLY A 347 26.19 -22.82 10.06
CA GLY A 347 26.05 -23.51 8.80
C GLY A 347 25.46 -24.89 8.90
N LYS A 348 25.40 -25.47 10.10
CA LYS A 348 24.81 -26.79 10.30
C LYS A 348 23.61 -26.74 11.22
N LYS A 349 23.74 -26.15 12.41
CA LYS A 349 22.64 -26.09 13.35
C LYS A 349 21.73 -24.90 13.06
N LEU A 350 20.45 -25.08 13.32
CA LEU A 350 19.44 -24.05 13.08
C LEU A 350 18.89 -23.52 14.40
N ILE A 351 18.54 -22.24 14.41
CA ILE A 351 18.03 -21.59 15.61
C ILE A 351 16.57 -21.97 15.80
N ASP A 352 16.24 -22.46 17.00
CA ASP A 352 14.85 -22.81 17.30
C ASP A 352 13.96 -21.58 17.45
N SER A 353 14.54 -20.40 17.65
CA SER A 353 13.78 -19.17 17.79
C SER A 353 13.69 -18.48 16.43
N SER A 354 12.45 -18.26 15.96
CA SER A 354 12.23 -17.65 14.66
C SER A 354 12.20 -16.12 14.72
N SER A 355 12.23 -15.52 15.91
CA SER A 355 12.18 -14.07 16.02
C SER A 355 13.41 -13.43 15.38
N VAL A 356 14.59 -13.79 15.89
CA VAL A 356 15.83 -13.31 15.28
C VAL A 356 15.94 -13.79 13.85
N GLN A 357 15.31 -14.92 13.52
CA GLN A 357 15.34 -15.42 12.15
C GLN A 357 14.68 -14.44 11.19
N HIS A 358 13.44 -14.03 11.49
CA HIS A 358 12.79 -13.08 10.59
C HIS A 358 13.40 -11.69 10.71
N SER A 359 13.99 -11.36 11.87
CA SER A 359 14.70 -10.10 11.98
C SER A 359 15.86 -10.05 10.99
N SER A 360 16.67 -11.11 10.96
CA SER A 360 17.75 -11.20 9.99
C SER A 360 17.21 -11.27 8.56
N ARG A 361 16.07 -11.94 8.38
CA ARG A 361 15.41 -11.96 7.08
C ARG A 361 15.17 -10.54 6.56
N ARG A 362 14.51 -9.71 7.38
CA ARG A 362 14.23 -8.33 6.97
C ARG A 362 15.51 -7.53 6.81
N ARG A 363 16.48 -7.74 7.71
CA ARG A 363 17.75 -7.03 7.65
C ARG A 363 18.46 -7.29 6.31
N GLN A 364 18.49 -8.55 5.89
CA GLN A 364 19.16 -8.88 4.64
C GLN A 364 18.32 -8.49 3.43
N GLY A 365 17.00 -8.57 3.54
CA GLY A 365 16.15 -8.28 2.42
C GLY A 365 16.00 -6.81 2.11
N LYS A 366 16.20 -5.94 3.11
CA LYS A 366 16.09 -4.51 2.83
C LYS A 366 17.25 -3.99 1.99
N ASN A 367 18.29 -4.79 1.77
CA ASN A 367 19.44 -4.39 0.97
C ASN A 367 19.53 -5.16 -0.34
N TRP A 368 18.47 -5.85 -0.74
CA TRP A 368 18.42 -6.58 -1.99
C TRP A 368 17.40 -5.97 -2.93
N TRP A 369 17.51 -6.33 -4.20
CA TRP A 369 16.65 -5.78 -5.25
C TRP A 369 16.29 -6.90 -6.22
N ASN A 370 15.75 -6.53 -7.38
CA ASN A 370 15.19 -7.52 -8.30
C ASN A 370 16.26 -8.48 -8.81
N ASN A 371 17.47 -7.97 -9.12
CA ASN A 371 18.50 -8.83 -9.66
C ASN A 371 18.95 -9.88 -8.65
N THR A 372 19.22 -9.47 -7.41
CA THR A 372 19.67 -10.38 -6.35
C THR A 372 18.64 -11.43 -5.99
N TRP A 373 17.46 -11.40 -6.60
CA TRP A 373 16.47 -12.47 -6.48
C TRP A 373 16.34 -13.26 -7.77
N ARG A 374 16.17 -12.58 -8.90
CA ARG A 374 15.94 -13.26 -10.18
C ARG A 374 17.16 -14.05 -10.61
N THR A 375 18.35 -13.45 -10.53
CA THR A 375 19.56 -14.14 -10.95
C THR A 375 19.84 -15.34 -10.04
N LYS A 376 19.63 -15.18 -8.73
CA LYS A 376 19.83 -16.29 -7.81
C LYS A 376 18.86 -17.44 -8.11
N LEU A 377 17.59 -17.10 -8.37
CA LEU A 377 16.62 -18.13 -8.70
C LEU A 377 16.98 -18.84 -10.00
N LEU A 378 17.41 -18.09 -11.01
CA LEU A 378 17.79 -18.71 -12.28
C LEU A 378 18.98 -19.62 -12.11
N ALA A 379 19.98 -19.18 -11.32
CA ALA A 379 21.15 -20.02 -11.08
C ALA A 379 20.75 -21.29 -10.33
N PHE A 380 19.86 -21.18 -9.35
CA PHE A 380 19.42 -22.35 -8.61
C PHE A 380 18.70 -23.34 -9.53
N ILE A 381 17.84 -22.83 -10.41
CA ILE A 381 17.14 -23.71 -11.36
C ILE A 381 18.12 -24.38 -12.30
N LYS A 382 19.09 -23.64 -12.83
CA LYS A 382 20.07 -24.23 -13.73
C LYS A 382 20.89 -25.29 -13.01
N TYR A 383 21.24 -25.06 -11.75
CA TYR A 383 21.95 -26.06 -10.97
C TYR A 383 21.11 -27.31 -10.78
N LEU A 384 19.80 -27.13 -10.54
CA LEU A 384 18.91 -28.29 -10.42
C LEU A 384 18.64 -28.95 -11.76
N SER A 385 18.92 -28.28 -12.87
CA SER A 385 18.67 -28.85 -14.19
C SER A 385 19.59 -30.03 -14.43
N ASP A 386 19.02 -31.14 -14.91
CA ASP A 386 19.81 -32.34 -15.15
C ASP A 386 20.53 -32.27 -16.49
N ASP A 387 19.76 -32.20 -17.59
CA ASP A 387 20.33 -32.07 -18.91
C ASP A 387 20.36 -30.59 -19.30
N ASP A 388 20.64 -30.31 -20.57
CA ASP A 388 20.66 -28.95 -21.08
C ASP A 388 19.31 -28.49 -21.59
N THR A 389 18.28 -29.33 -21.51
CA THR A 389 16.96 -28.99 -22.04
C THR A 389 15.92 -28.86 -20.92
N SER A 390 15.73 -29.91 -20.12
CA SER A 390 14.69 -29.90 -19.10
C SER A 390 14.88 -31.00 -18.08
N PHE A 391 14.84 -30.65 -16.79
CA PHE A 391 14.99 -31.65 -15.74
C PHE A 391 13.75 -32.54 -15.66
N TYR A 392 13.94 -33.73 -15.12
CA TYR A 392 12.91 -34.76 -15.07
C TYR A 392 12.41 -34.95 -13.64
N LEU A 393 11.40 -35.80 -13.49
CA LEU A 393 10.85 -36.18 -12.20
C LEU A 393 10.71 -37.70 -12.15
N GLU A 394 10.97 -38.27 -10.97
CA GLU A 394 10.94 -39.72 -10.80
C GLU A 394 9.60 -40.14 -10.20
N MET A 395 8.91 -41.05 -10.90
CA MET A 395 7.63 -41.57 -10.47
C MET A 395 7.60 -43.09 -10.34
N GLY A 396 8.41 -43.80 -11.10
CA GLY A 396 8.39 -45.25 -11.08
C GLY A 396 9.54 -45.87 -11.85
N SER A 397 9.24 -46.91 -12.63
CA SER A 397 10.27 -47.63 -13.38
C SER A 397 10.43 -47.14 -14.81
N GLU A 398 9.38 -46.58 -15.42
CA GLU A 398 9.47 -46.14 -16.80
C GLU A 398 8.93 -44.73 -16.98
N GLU A 399 8.11 -44.28 -16.04
CA GLU A 399 7.51 -42.95 -16.16
C GLU A 399 8.57 -41.86 -15.99
N LYS A 400 8.54 -40.88 -16.88
CA LYS A 400 9.52 -39.79 -16.87
C LYS A 400 8.84 -38.55 -17.44
N VAL A 401 8.38 -37.68 -16.54
CA VAL A 401 7.80 -36.40 -16.94
C VAL A 401 8.91 -35.36 -16.99
N PHE A 402 9.08 -34.73 -18.15
CA PHE A 402 10.10 -33.71 -18.35
C PHE A 402 9.51 -32.34 -18.08
N VAL A 403 10.17 -31.58 -17.21
CA VAL A 403 9.71 -30.25 -16.80
C VAL A 403 10.73 -29.25 -17.31
N SER A 404 10.25 -28.28 -18.10
CA SER A 404 11.14 -27.30 -18.71
C SER A 404 11.84 -26.46 -17.64
N ASN A 405 13.17 -26.46 -17.68
CA ASN A 405 13.94 -25.67 -16.73
C ASN A 405 13.75 -24.18 -16.96
N GLU A 406 13.57 -23.75 -18.20
CA GLU A 406 13.36 -22.34 -18.49
C GLU A 406 12.02 -21.90 -17.93
N PRO A 407 11.97 -20.79 -17.19
CA PRO A 407 10.70 -20.35 -16.60
C PRO A 407 9.74 -19.84 -17.66
N VAL A 408 8.46 -19.83 -17.31
CA VAL A 408 7.42 -19.36 -18.21
C VAL A 408 7.64 -17.88 -18.47
N LYS A 409 7.81 -17.52 -19.75
CA LYS A 409 8.15 -16.16 -20.13
C LYS A 409 6.94 -15.47 -20.76
N PHE A 410 6.64 -14.26 -20.28
CA PHE A 410 5.51 -13.48 -20.76
C PHE A 410 6.02 -12.34 -21.63
N LYS A 411 5.09 -11.47 -22.05
CA LYS A 411 5.42 -10.31 -22.89
C LYS A 411 4.53 -9.15 -22.43
N GLY A 412 5.08 -8.31 -21.55
CA GLY A 412 4.33 -7.15 -21.06
C GLY A 412 4.21 -6.10 -22.14
N ASN A 413 2.98 -5.73 -22.48
CA ASN A 413 2.76 -4.75 -23.55
C ASN A 413 3.03 -3.32 -23.10
N VAL A 414 3.10 -3.07 -21.80
CA VAL A 414 3.32 -1.73 -21.26
C VAL A 414 4.58 -1.76 -20.41
N SER A 415 5.39 -0.72 -20.55
CA SER A 415 6.64 -0.62 -19.80
C SER A 415 6.96 0.85 -19.58
N TYR A 416 8.19 1.15 -19.20
CA TYR A 416 8.63 2.51 -18.92
C TYR A 416 10.13 2.61 -19.16
N ASN A 417 10.61 3.85 -19.26
CA ASN A 417 12.01 4.12 -19.52
C ASN A 417 12.69 4.62 -18.25
N ILE A 418 13.96 4.26 -18.09
CA ILE A 418 14.77 4.71 -16.97
C ILE A 418 15.92 5.56 -17.49
N PRO A 419 15.71 6.86 -17.72
CA PRO A 419 16.77 7.71 -18.29
C PRO A 419 18.02 7.78 -17.43
N GLU A 420 17.90 8.27 -16.20
CA GLU A 420 19.06 8.43 -15.34
C GLU A 420 18.81 8.10 -13.87
N LYS A 421 17.62 7.62 -13.50
CA LYS A 421 17.28 7.36 -12.11
C LYS A 421 17.43 5.88 -11.74
N ASN A 422 18.25 5.14 -12.48
CA ASN A 422 18.47 3.73 -12.16
C ASN A 422 19.16 3.58 -10.82
N THR A 423 20.16 4.42 -10.53
CA THR A 423 20.87 4.36 -9.26
C THR A 423 20.22 5.22 -8.18
N LEU A 424 19.61 6.34 -8.55
CA LEU A 424 19.01 7.23 -7.57
C LEU A 424 17.84 6.59 -6.84
N GLU A 425 17.18 5.60 -7.44
CA GLU A 425 16.01 5.00 -6.80
C GLU A 425 16.38 4.16 -5.58
N GLU A 426 17.53 3.49 -5.61
CA GLU A 426 17.87 2.57 -4.53
C GLU A 426 18.36 3.31 -3.30
N GLU A 427 19.06 4.43 -3.49
CA GLU A 427 19.66 5.12 -2.35
C GLU A 427 18.63 5.87 -1.52
N ALA A 428 17.53 6.32 -2.13
CA ALA A 428 16.55 7.12 -1.40
C ALA A 428 15.71 6.27 -0.46
N GLU A 429 15.48 5.01 -0.79
CA GLU A 429 14.55 4.16 -0.05
C GLU A 429 15.26 3.16 0.86
N LEU A 430 16.56 3.36 1.14
CA LEU A 430 17.25 2.43 2.02
C LEU A 430 16.67 2.46 3.43
N SER A 431 16.37 3.63 3.95
CA SER A 431 15.84 3.79 5.30
C SER A 431 14.32 3.79 5.23
N GLY A 432 13.72 2.63 5.49
CA GLY A 432 12.28 2.51 5.51
C GLY A 432 11.68 2.92 6.84
N PHE A 433 10.38 2.66 6.96
CA PHE A 433 9.65 2.97 8.19
C PHE A 433 9.75 1.81 9.16
N ASN A 434 10.17 2.11 10.38
CA ASN A 434 10.31 1.13 11.46
C ASN A 434 9.72 1.67 12.75
N GLN A 435 8.53 2.27 12.65
CA GLN A 435 7.86 2.88 13.79
C GLN A 435 6.87 1.89 14.41
N GLY A 436 6.06 2.39 15.34
CA GLY A 436 5.11 1.56 16.05
C GLY A 436 3.69 1.66 15.55
N GLU A 437 2.77 2.04 16.45
CA GLU A 437 1.35 2.01 16.11
C GLU A 437 0.93 3.13 15.17
N ASP A 438 1.81 4.08 14.85
CA ASP A 438 1.44 5.21 14.01
C ASP A 438 1.45 4.88 12.52
N ILE A 439 2.44 4.13 12.05
CA ILE A 439 2.57 3.77 10.64
C ILE A 439 2.31 2.29 10.42
N GLU A 440 3.14 1.43 11.02
CA GLU A 440 2.96 -0.02 10.90
C GLU A 440 3.48 -0.68 12.17
N GLU A 441 2.61 -1.44 12.82
CA GLU A 441 2.93 -2.08 14.09
C GLU A 441 2.70 -3.58 14.13
N LEU A 442 1.89 -4.13 13.23
CA LEU A 442 1.72 -5.57 13.10
C LEU A 442 2.51 -6.14 11.94
N GLU A 443 3.69 -5.60 11.66
CA GLU A 443 4.53 -6.14 10.60
C GLU A 443 4.95 -7.57 10.93
N GLU A 444 5.47 -7.78 12.15
CA GLU A 444 5.87 -9.12 12.56
C GLU A 444 4.67 -10.07 12.61
N LEU A 445 3.53 -9.58 13.11
CA LEU A 445 2.35 -10.42 13.20
C LEU A 445 1.85 -10.84 11.82
N ILE A 446 1.87 -9.91 10.86
CA ILE A 446 1.50 -10.24 9.49
C ILE A 446 2.48 -11.22 8.89
N GLU A 447 3.78 -11.06 9.20
CA GLU A 447 4.78 -11.99 8.70
C GLU A 447 4.52 -13.41 9.22
N ASN A 448 4.36 -13.56 10.53
CA ASN A 448 4.06 -14.87 11.11
C ASN A 448 2.56 -15.06 11.33
N LEU A 449 1.75 -14.84 10.29
CA LEU A 449 0.35 -15.22 10.33
C LEU A 449 0.18 -16.73 10.27
N GLU A 450 1.26 -17.46 9.98
CA GLU A 450 1.25 -18.91 9.83
C GLU A 450 1.39 -19.58 11.20
N ALA A 451 0.43 -19.28 12.07
CA ALA A 451 0.43 -19.78 13.44
C ALA A 451 -0.24 -21.14 13.57
N GLU A 452 -0.76 -21.71 12.48
CA GLU A 452 -1.37 -23.03 12.53
C GLU A 452 -0.78 -23.95 11.46
N MET B 1 4.23 -20.04 -22.90
CA MET B 1 4.20 -18.66 -23.35
C MET B 1 2.75 -18.16 -23.39
N LYS B 2 2.42 -17.22 -22.52
CA LYS B 2 1.08 -16.66 -22.43
C LYS B 2 1.16 -15.14 -22.57
N GLU B 3 0.02 -14.49 -22.41
CA GLU B 3 -0.08 -13.04 -22.57
C GLU B 3 -0.87 -12.44 -21.41
N LEU B 4 -0.60 -11.17 -21.13
CA LEU B 4 -1.26 -10.42 -20.07
C LEU B 4 -1.81 -9.12 -20.65
N ILE B 5 -2.57 -8.40 -19.82
CA ILE B 5 -3.24 -7.18 -20.25
C ILE B 5 -3.01 -6.09 -19.22
N TYR B 6 -3.23 -4.84 -19.64
CA TYR B 6 -3.11 -3.68 -18.79
C TYR B 6 -4.43 -2.90 -18.80
N ILE B 7 -4.76 -2.30 -17.66
CA ILE B 7 -5.97 -1.51 -17.50
C ILE B 7 -5.57 -0.08 -17.15
N GLU B 8 -6.31 0.88 -17.70
CA GLU B 8 -5.99 2.28 -17.51
C GLU B 8 -6.22 2.68 -16.05
N GLU B 9 -5.33 3.51 -15.54
CA GLU B 9 -5.38 3.92 -14.13
C GLU B 9 -6.54 4.88 -13.90
N PRO B 10 -7.33 4.67 -12.85
CA PRO B 10 -8.46 5.58 -12.59
C PRO B 10 -7.98 6.90 -12.00
N LYS B 11 -8.92 7.83 -11.92
CA LYS B 11 -8.65 9.18 -11.43
C LYS B 11 -9.40 9.44 -10.13
N ILE B 12 -8.94 10.46 -9.41
CA ILE B 12 -9.54 10.87 -8.15
C ILE B 12 -10.07 12.28 -8.31
N LEU B 13 -11.31 12.51 -7.87
CA LEU B 13 -11.93 13.81 -8.02
C LEU B 13 -11.39 14.78 -6.96
N PHE B 14 -11.10 15.99 -7.38
CA PHE B 14 -10.52 17.03 -6.51
C PHE B 14 -11.40 18.27 -6.55
N ALA B 15 -10.87 19.36 -5.98
CA ALA B 15 -11.60 20.63 -5.94
C ALA B 15 -11.87 21.13 -7.34
N HIS B 16 -12.91 21.98 -7.44
CA HIS B 16 -13.37 22.55 -8.71
C HIS B 16 -13.83 21.48 -9.69
N GLY B 17 -14.20 20.30 -9.19
CA GLY B 17 -14.70 19.24 -10.04
C GLY B 17 -13.70 18.69 -11.03
N GLN B 18 -12.42 18.67 -10.69
CA GLN B 18 -11.37 18.20 -11.57
C GLN B 18 -10.71 16.95 -11.01
N LYS B 19 -10.20 16.11 -11.91
CA LYS B 19 -9.63 14.83 -11.56
C LYS B 19 -8.12 14.83 -11.85
N CYS B 20 -7.36 14.25 -10.94
CA CYS B 20 -5.92 14.11 -11.09
C CYS B 20 -5.49 12.78 -10.49
N THR B 21 -4.24 12.40 -10.72
CA THR B 21 -3.70 11.13 -10.26
C THR B 21 -2.99 11.23 -8.92
N ASP B 22 -2.01 12.13 -8.80
CA ASP B 22 -1.28 12.28 -7.56
C ASP B 22 -2.19 12.83 -6.46
N ALA B 23 -1.95 12.37 -5.24
CA ALA B 23 -2.75 12.81 -4.09
C ALA B 23 -2.18 14.08 -3.48
N ARG B 24 -0.92 14.04 -3.04
CA ARG B 24 -0.32 15.21 -2.42
C ARG B 24 -0.27 16.39 -3.40
N ASP B 25 0.10 16.13 -4.65
CA ASP B 25 0.10 17.18 -5.66
C ASP B 25 -1.31 17.70 -5.90
N GLY B 26 -2.29 16.80 -5.98
CA GLY B 26 -3.66 17.24 -6.23
C GLY B 26 -4.19 18.14 -5.14
N LEU B 27 -3.94 17.79 -3.88
CA LEU B 27 -4.37 18.64 -2.78
C LEU B 27 -3.58 19.94 -2.74
N ALA B 28 -2.28 19.87 -2.97
CA ALA B 28 -1.43 21.05 -2.86
C ALA B 28 -1.72 22.09 -3.95
N LEU B 29 -2.44 21.72 -5.00
CA LEU B 29 -2.70 22.63 -6.11
C LEU B 29 -4.12 23.19 -6.08
N PHE B 30 -5.10 22.36 -5.73
CA PHE B 30 -6.50 22.77 -5.74
C PHE B 30 -7.12 22.81 -4.35
N GLY B 31 -6.95 21.75 -3.57
CA GLY B 31 -7.49 21.69 -2.24
C GLY B 31 -8.59 20.65 -2.11
N PRO B 32 -9.20 20.58 -0.93
CA PRO B 32 -10.25 19.58 -0.70
C PRO B 32 -11.51 19.90 -1.50
N LEU B 33 -12.47 18.97 -1.40
CA LEU B 33 -13.71 19.10 -2.16
C LEU B 33 -14.56 20.25 -1.65
N ASN B 34 -14.76 20.32 -0.34
CA ASN B 34 -15.64 21.31 0.27
C ASN B 34 -14.83 22.51 0.74
N ASN B 35 -15.49 23.42 1.47
CA ASN B 35 -14.89 24.65 1.97
C ASN B 35 -15.36 24.87 3.40
N LEU B 36 -14.57 24.39 4.37
CA LEU B 36 -14.81 24.65 5.78
C LEU B 36 -13.73 25.57 6.31
N TYR B 37 -14.12 26.50 7.16
CA TYR B 37 -13.19 27.53 7.62
C TYR B 37 -13.04 27.58 9.13
N GLY B 38 -14.13 27.43 9.87
CA GLY B 38 -14.08 27.56 11.32
C GLY B 38 -13.76 26.27 12.04
N ILE B 39 -12.50 26.09 12.42
CA ILE B 39 -12.06 24.93 13.20
C ILE B 39 -11.26 25.45 14.39
N LYS B 40 -11.63 24.98 15.59
CA LYS B 40 -10.90 25.30 16.81
C LYS B 40 -10.62 23.96 17.49
N SER B 41 -9.50 23.35 17.13
CA SER B 41 -9.19 22.01 17.58
C SER B 41 -8.67 22.01 19.02
N GLY B 42 -8.76 20.85 19.66
CA GLY B 42 -8.34 20.68 21.03
C GLY B 42 -7.31 19.58 21.17
N VAL B 43 -6.62 19.59 22.31
CA VAL B 43 -5.56 18.65 22.62
C VAL B 43 -5.72 18.18 24.06
N ILE B 44 -5.48 16.89 24.29
CA ILE B 44 -5.51 16.31 25.62
C ILE B 44 -4.08 15.90 25.98
N GLY B 45 -3.53 16.53 27.01
CA GLY B 45 -2.17 16.24 27.41
C GLY B 45 -1.74 17.03 28.63
N THR B 46 -0.45 17.37 28.70
CA THR B 46 0.09 18.11 29.83
C THR B 46 0.82 19.36 29.36
N LYS B 47 1.52 20.03 30.29
CA LYS B 47 2.25 21.24 29.92
C LYS B 47 3.34 20.95 28.89
N GLN B 48 4.10 19.88 29.09
CA GLN B 48 5.08 19.48 28.09
C GLN B 48 4.39 19.05 26.79
N GLY B 49 3.27 18.34 26.90
CA GLY B 49 2.50 18.01 25.70
C GLY B 49 1.96 19.24 25.01
N LEU B 50 1.49 20.22 25.79
CA LEU B 50 1.03 21.47 25.20
C LEU B 50 2.14 22.19 24.47
N LYS B 51 3.34 22.24 25.07
CA LYS B 51 4.47 22.88 24.42
C LYS B 51 4.85 22.14 23.14
N ILE B 52 4.85 20.81 23.18
CA ILE B 52 5.18 20.03 21.99
C ILE B 52 4.18 20.30 20.87
N PHE B 53 2.88 20.33 21.22
CA PHE B 53 1.87 20.59 20.21
C PHE B 53 2.00 22.00 19.64
N ARG B 54 2.24 22.99 20.50
CA ARG B 54 2.40 24.36 20.01
C ARG B 54 3.60 24.47 19.09
N ASP B 55 4.72 23.86 19.45
CA ASP B 55 5.91 23.90 18.63
C ASP B 55 5.69 23.22 17.29
N TYR B 56 5.02 22.06 17.30
CA TYR B 56 4.78 21.37 16.03
C TYR B 56 3.78 22.13 15.17
N LEU B 57 2.80 22.78 15.78
CA LEU B 57 1.88 23.62 15.02
C LEU B 57 2.62 24.77 14.37
N ASP B 58 3.52 25.42 15.12
CA ASP B 58 4.32 26.49 14.54
C ASP B 58 5.18 25.97 13.40
N HIS B 59 5.77 24.78 13.57
CA HIS B 59 6.60 24.21 12.53
C HIS B 59 5.80 23.91 11.26
N ILE B 60 4.60 23.36 11.42
CA ILE B 60 3.82 23.02 10.23
C ILE B 60 3.23 24.26 9.59
N GLN B 61 3.02 25.34 10.35
CA GLN B 61 2.71 26.62 9.72
C GLN B 61 3.87 27.08 8.86
N LYS B 62 5.09 26.90 9.35
CA LYS B 62 6.27 27.21 8.56
C LYS B 62 6.42 26.21 7.42
N PRO B 63 7.11 26.60 6.34
CA PRO B 63 7.31 25.67 5.22
C PRO B 63 8.12 24.45 5.66
N ILE B 64 7.85 23.33 5.01
CA ILE B 64 8.51 22.07 5.30
C ILE B 64 9.35 21.69 4.09
N TYR B 65 10.65 21.49 4.29
CA TYR B 65 11.59 21.19 3.22
C TYR B 65 11.97 19.71 3.32
N ASN B 66 11.84 19.00 2.20
CA ASN B 66 12.13 17.57 2.17
C ASN B 66 13.51 17.33 1.56
N SER B 67 13.87 16.07 1.37
CA SER B 67 15.14 15.74 0.73
C SER B 67 15.04 15.81 -0.78
N ASN B 68 14.12 15.06 -1.37
CA ASN B 68 13.89 15.07 -2.81
C ASN B 68 12.39 15.16 -3.05
N SER B 69 11.97 16.19 -3.78
CA SER B 69 10.57 16.34 -4.13
C SER B 69 10.16 15.49 -5.33
N ILE B 70 11.13 14.94 -6.07
CA ILE B 70 10.80 14.09 -7.20
C ILE B 70 10.18 12.78 -6.73
N THR B 71 10.80 12.14 -5.73
CA THR B 71 10.28 10.89 -5.20
C THR B 71 9.08 11.08 -4.29
N ARG B 72 8.98 12.21 -3.61
CA ARG B 72 7.87 12.46 -2.71
C ARG B 72 7.66 13.97 -2.57
N PRO B 73 6.49 14.48 -2.96
CA PRO B 73 6.26 15.92 -2.91
C PRO B 73 6.29 16.48 -1.50
N MET B 74 6.69 17.74 -1.40
CA MET B 74 6.85 18.43 -0.12
C MET B 74 5.51 18.94 0.38
N PHE B 75 5.54 19.77 1.41
CA PHE B 75 4.32 20.29 2.05
C PHE B 75 4.25 21.80 1.84
N PRO B 76 3.49 22.28 0.86
CA PRO B 76 3.45 23.72 0.59
C PRO B 76 2.60 24.48 1.59
N GLY B 77 2.94 24.40 2.87
CA GLY B 77 2.16 25.06 3.91
C GLY B 77 0.83 24.40 4.15
N PHE B 78 0.16 24.72 5.25
CA PHE B 78 -1.13 24.10 5.54
C PHE B 78 -2.28 24.94 4.99
N GLU B 79 -2.39 26.19 5.45
CA GLU B 79 -3.53 27.03 5.06
C GLU B 79 -3.52 27.30 3.57
N ALA B 80 -2.34 27.53 2.99
CA ALA B 80 -2.25 27.92 1.59
C ALA B 80 -2.78 26.84 0.64
N VAL B 81 -2.88 25.60 1.10
CA VAL B 81 -3.39 24.52 0.26
C VAL B 81 -4.69 23.92 0.81
N PHE B 82 -5.03 24.15 2.06
CA PHE B 82 -6.27 23.60 2.63
C PHE B 82 -7.39 24.63 2.76
N ASP B 83 -7.05 25.93 2.74
CA ASP B 83 -8.03 27.00 2.86
C ASP B 83 -8.82 26.92 4.18
N CYS B 84 -8.22 26.33 5.20
CA CYS B 84 -8.75 26.34 6.55
C CYS B 84 -7.68 26.92 7.48
N LYS B 85 -8.09 27.79 8.38
CA LYS B 85 -7.16 28.62 9.14
C LYS B 85 -7.24 28.29 10.63
N TRP B 86 -6.10 27.98 11.23
CA TRP B 86 -5.94 28.14 12.66
C TRP B 86 -4.94 29.26 12.94
N GLU B 87 -4.60 29.41 14.21
CA GLU B 87 -3.55 30.30 14.66
C GLU B 87 -2.80 29.63 15.81
N SER B 88 -1.75 30.30 16.28
CA SER B 88 -1.05 29.79 17.46
C SER B 88 -1.97 29.74 18.67
N THR B 89 -2.75 30.80 18.87
CA THR B 89 -3.78 30.85 19.89
C THR B 89 -5.12 30.48 19.27
N GLY B 90 -6.20 30.67 20.03
CA GLY B 90 -7.53 30.37 19.53
C GLY B 90 -7.78 28.89 19.31
N ILE B 91 -7.28 28.04 20.19
CA ILE B 91 -7.55 26.60 20.17
C ILE B 91 -8.28 26.24 21.45
N THR B 92 -9.40 25.55 21.31
CA THR B 92 -10.26 25.19 22.43
C THR B 92 -9.88 23.79 22.90
N PHE B 93 -9.13 23.72 23.99
CA PHE B 93 -8.59 22.46 24.49
C PHE B 93 -8.77 22.39 26.01
N LYS B 94 -8.85 21.15 26.51
CA LYS B 94 -8.96 20.88 27.94
C LYS B 94 -7.94 19.79 28.28
N GLU B 95 -6.74 20.20 28.67
CA GLU B 95 -5.68 19.26 28.95
C GLU B 95 -5.81 18.71 30.37
N VAL B 96 -4.82 17.92 30.80
CA VAL B 96 -4.86 17.26 32.09
C VAL B 96 -3.56 17.54 32.82
N THR B 97 -3.60 17.44 34.14
CA THR B 97 -2.41 17.67 34.96
C THR B 97 -1.44 16.52 34.82
N ASN B 98 -0.17 16.79 35.15
CA ASN B 98 0.87 15.78 35.03
C ASN B 98 0.62 14.60 35.95
N GLU B 99 0.22 14.87 37.19
CA GLU B 99 -0.02 13.78 38.14
C GLU B 99 -1.23 12.94 37.73
N ASP B 100 -2.28 13.56 37.21
CA ASP B 100 -3.44 12.81 36.76
C ASP B 100 -3.09 11.88 35.61
N ILE B 101 -2.28 12.36 34.66
CA ILE B 101 -1.86 11.52 33.54
C ILE B 101 -0.75 10.55 33.91
N GLY B 102 -0.11 10.74 35.06
CA GLY B 102 0.98 9.87 35.45
C GLY B 102 0.78 9.17 36.77
N LYS B 103 -0.48 9.00 37.17
CA LYS B 103 -0.77 8.29 38.42
C LYS B 103 -0.26 6.85 38.37
N PHE B 104 -0.50 6.15 37.26
CA PHE B 104 -0.07 4.76 37.10
C PHE B 104 0.27 4.57 35.63
N LEU B 105 1.56 4.68 35.30
CA LEU B 105 2.01 4.54 33.92
C LEU B 105 2.90 3.33 33.68
N TYR B 106 3.47 2.74 34.73
CA TYR B 106 4.30 1.55 34.61
C TYR B 106 3.48 0.26 34.56
N ASN B 107 2.17 0.37 34.41
CA ASN B 107 1.32 -0.82 34.33
C ASN B 107 1.62 -1.59 33.05
N SER B 108 1.78 -2.91 33.18
CA SER B 108 2.08 -3.76 32.04
C SER B 108 0.85 -4.23 31.30
N SER B 109 -0.29 -4.33 31.98
CA SER B 109 -1.52 -4.79 31.35
C SER B 109 -2.15 -3.65 30.55
N THR B 110 -2.36 -3.89 29.25
CA THR B 110 -2.92 -2.86 28.39
C THR B 110 -4.39 -2.61 28.71
N HIS B 111 -5.14 -3.65 29.11
CA HIS B 111 -6.56 -3.51 29.33
C HIS B 111 -6.86 -2.54 30.46
N LYS B 112 -6.24 -2.75 31.62
CA LYS B 112 -6.53 -1.90 32.78
C LYS B 112 -6.06 -0.46 32.56
N ARG B 113 -4.86 -0.30 31.98
CA ARG B 113 -4.34 1.05 31.76
C ARG B 113 -5.18 1.80 30.72
N THR B 114 -5.63 1.10 29.67
CA THR B 114 -6.43 1.77 28.66
C THR B 114 -7.85 2.05 29.13
N TYR B 115 -8.39 1.21 30.03
CA TYR B 115 -9.73 1.47 30.57
C TYR B 115 -9.79 2.84 31.25
N ASP B 116 -8.69 3.31 31.81
CA ASP B 116 -8.61 4.64 32.37
C ASP B 116 -8.10 5.69 31.38
N LEU B 117 -7.20 5.30 30.47
CA LEU B 117 -6.70 6.26 29.49
C LEU B 117 -7.83 6.75 28.57
N VAL B 118 -8.64 5.83 28.07
CA VAL B 118 -9.75 6.21 27.20
C VAL B 118 -10.78 7.02 27.98
N SER B 119 -11.03 6.65 29.23
CA SER B 119 -11.97 7.40 30.06
C SER B 119 -11.49 8.83 30.26
N LEU B 120 -10.19 9.01 30.52
CA LEU B 120 -9.63 10.36 30.67
C LEU B 120 -9.72 11.12 29.36
N PHE B 121 -9.44 10.46 28.23
CA PHE B 121 -9.49 11.14 26.95
C PHE B 121 -10.90 11.62 26.62
N ILE B 122 -11.88 10.73 26.72
CA ILE B 122 -13.24 11.06 26.30
C ILE B 122 -13.87 12.07 27.26
N ASP B 123 -13.65 11.89 28.57
CA ASP B 123 -14.26 12.79 29.55
C ASP B 123 -13.81 14.23 29.34
N LYS B 124 -12.61 14.43 28.81
CA LYS B 124 -12.11 15.76 28.51
C LYS B 124 -12.50 16.23 27.12
N ILE B 125 -13.22 15.40 26.36
CA ILE B 125 -13.64 15.72 25.01
C ILE B 125 -15.14 15.96 24.92
N ILE B 126 -15.94 15.06 25.49
CA ILE B 126 -17.39 15.18 25.44
C ILE B 126 -17.93 16.24 26.40
N SER B 127 -17.07 16.80 27.26
CA SER B 127 -17.49 17.80 28.23
C SER B 127 -17.35 19.23 27.71
N ALA B 128 -16.84 19.41 26.48
CA ALA B 128 -16.61 20.74 25.94
C ALA B 128 -17.50 21.07 24.75
N ASN B 129 -18.22 20.10 24.19
CA ASN B 129 -19.06 20.34 23.03
C ASN B 129 -20.43 20.90 23.37
N LYS B 130 -20.77 20.99 24.66
CA LYS B 130 -22.08 21.47 25.07
C LYS B 130 -22.14 22.96 25.32
N ASN B 131 -20.97 23.61 25.49
CA ASN B 131 -20.97 25.04 25.80
C ASN B 131 -21.33 25.87 24.57
N GLU B 132 -20.54 25.77 23.51
CA GLU B 132 -20.77 26.52 22.28
C GLU B 132 -20.88 25.53 21.12
N ASP B 133 -21.69 25.88 20.13
CA ASP B 133 -21.95 24.98 19.01
C ASP B 133 -20.82 25.03 17.97
N GLU B 134 -20.42 23.85 17.51
CA GLU B 134 -19.41 23.70 16.46
C GLU B 134 -18.14 24.47 16.77
N ASN B 135 -17.71 24.37 18.03
CA ASN B 135 -16.50 25.02 18.50
C ASN B 135 -15.32 24.08 18.65
N VAL B 136 -15.57 22.83 19.02
CA VAL B 136 -14.49 21.88 19.32
C VAL B 136 -14.59 20.69 18.38
N ASP B 137 -15.13 20.91 17.19
CA ASP B 137 -15.53 19.80 16.33
C ASP B 137 -14.35 18.94 15.87
N VAL B 138 -13.12 19.41 16.06
CA VAL B 138 -11.92 18.64 15.73
C VAL B 138 -11.02 18.60 16.97
N TRP B 139 -10.33 17.49 17.17
CA TRP B 139 -9.32 17.35 18.21
C TRP B 139 -8.05 16.76 17.64
N PHE B 140 -6.92 17.26 18.10
CA PHE B 140 -5.61 16.63 17.89
C PHE B 140 -5.18 16.09 19.24
N VAL B 141 -5.55 14.86 19.53
CA VAL B 141 -5.17 14.24 20.80
C VAL B 141 -3.83 13.54 20.61
N ILE B 142 -2.96 13.70 21.61
CA ILE B 142 -1.63 13.10 21.59
C ILE B 142 -1.45 12.29 22.87
N VAL B 143 -1.26 10.98 22.71
CA VAL B 143 -1.03 10.08 23.85
C VAL B 143 0.40 10.28 24.33
N PRO B 144 0.68 10.03 25.62
CA PRO B 144 2.05 10.21 26.11
C PRO B 144 3.02 9.29 25.41
N ASP B 145 4.26 9.74 25.29
CA ASP B 145 5.30 8.94 24.64
C ASP B 145 5.59 7.66 25.41
N GLU B 146 5.27 7.62 26.71
CA GLU B 146 5.43 6.39 27.48
C GLU B 146 4.44 5.31 27.03
N ILE B 147 3.32 5.70 26.42
CA ILE B 147 2.43 4.71 25.80
C ILE B 147 3.15 4.00 24.67
N TYR B 148 3.97 4.75 23.92
CA TYR B 148 4.72 4.19 22.80
C TYR B 148 5.70 3.11 23.23
N LYS B 149 6.10 3.09 24.51
CA LYS B 149 7.03 2.09 25.01
C LYS B 149 6.39 1.09 25.97
N TYR B 150 5.20 1.38 26.49
CA TYR B 150 4.55 0.49 27.45
C TYR B 150 3.26 -0.13 26.91
N CYS B 151 2.87 0.16 25.68
CA CYS B 151 1.65 -0.39 25.09
C CYS B 151 1.95 -1.30 23.90
N ARG B 152 2.68 -0.81 22.92
CA ARG B 152 3.04 -1.59 21.74
C ARG B 152 4.15 -2.60 22.05
N PRO B 153 5.25 -2.21 22.71
CA PRO B 153 6.29 -3.19 23.04
C PRO B 153 5.95 -4.05 24.27
N ASN B 154 4.77 -3.88 24.85
CA ASN B 154 4.31 -4.67 26.00
C ASN B 154 5.23 -4.48 27.21
N SER B 155 5.35 -3.22 27.63
CA SER B 155 5.99 -2.85 28.90
C SER B 155 7.45 -3.34 28.97
N VAL B 156 8.28 -2.79 28.08
CA VAL B 156 9.71 -3.03 28.13
C VAL B 156 10.42 -1.71 28.43
N LEU B 157 11.73 -1.77 28.62
CA LEU B 157 12.54 -0.58 28.92
C LEU B 157 13.67 -0.54 27.91
N PRO B 158 13.43 0.05 26.73
CA PRO B 158 14.50 0.17 25.73
C PRO B 158 15.38 1.38 25.97
N LYS B 159 14.83 2.39 26.64
CA LYS B 159 15.58 3.62 26.92
C LYS B 159 16.54 3.42 28.08
N PHE B 206 -5.02 -0.83 21.32
CA PHE B 206 -3.81 -0.04 21.47
C PHE B 206 -3.99 1.34 20.84
N HIS B 207 -4.64 1.37 19.69
CA HIS B 207 -4.94 2.61 18.98
C HIS B 207 -6.43 2.80 18.77
N ASP B 208 -7.15 1.72 18.49
CA ASP B 208 -8.60 1.77 18.31
C ASP B 208 -9.36 1.88 19.62
N GLN B 209 -8.76 1.49 20.74
CA GLN B 209 -9.51 1.38 21.99
C GLN B 209 -10.04 2.74 22.44
N PHE B 210 -9.24 3.79 22.31
CA PHE B 210 -9.77 5.15 22.39
C PHE B 210 -10.15 5.70 21.03
N LYS B 211 -10.83 4.87 20.25
CA LYS B 211 -11.53 5.28 19.03
C LYS B 211 -12.88 4.60 18.85
N ALA B 212 -13.18 3.53 19.59
CA ALA B 212 -14.35 2.71 19.37
C ALA B 212 -15.49 3.04 20.32
N ARG B 213 -15.20 3.23 21.60
CA ARG B 213 -16.24 3.50 22.58
C ARG B 213 -16.74 4.94 22.53
N LEU B 214 -16.12 5.79 21.71
CA LEU B 214 -16.61 7.14 21.46
C LEU B 214 -17.73 7.20 20.43
N LEU B 215 -18.07 6.07 19.80
CA LEU B 215 -19.16 6.06 18.83
C LEU B 215 -20.50 6.34 19.47
N LYS B 216 -20.65 6.04 20.77
CA LYS B 216 -21.93 6.32 21.43
C LYS B 216 -22.22 7.81 21.49
N HIS B 217 -21.19 8.64 21.60
CA HIS B 217 -21.37 10.08 21.67
C HIS B 217 -21.31 10.77 20.32
N THR B 218 -20.94 10.04 19.26
CA THR B 218 -20.78 10.59 17.92
C THR B 218 -19.81 11.77 17.94
N ILE B 219 -18.61 11.49 18.44
CA ILE B 219 -17.56 12.49 18.62
C ILE B 219 -16.25 12.01 17.99
N PRO B 220 -15.81 12.60 16.87
CA PRO B 220 -14.55 12.16 16.25
C PRO B 220 -13.34 12.70 17.00
N THR B 221 -12.18 12.12 16.69
CA THR B 221 -10.92 12.63 17.20
C THR B 221 -9.77 12.14 16.31
N GLN B 222 -8.67 12.90 16.33
CA GLN B 222 -7.46 12.58 15.56
C GLN B 222 -6.30 12.30 16.52
N ILE B 223 -5.64 11.17 16.32
CA ILE B 223 -4.64 10.65 17.26
C ILE B 223 -3.25 10.92 16.72
N PHE B 224 -2.37 11.43 17.58
CA PHE B 224 -0.96 11.65 17.25
C PHE B 224 -0.10 11.26 18.44
N ARG B 225 1.21 11.41 18.29
CA ARG B 225 2.17 11.09 19.34
C ARG B 225 3.24 12.18 19.40
N GLU B 226 3.77 12.41 20.61
CA GLU B 226 4.87 13.36 20.76
C GLU B 226 6.10 12.89 20.00
N SER B 227 6.42 11.59 20.10
CA SER B 227 7.55 11.05 19.36
C SER B 227 7.35 11.21 17.86
N THR B 228 6.10 11.13 17.39
CA THR B 228 5.81 11.40 15.99
C THR B 228 6.07 12.86 15.66
N LEU B 229 5.78 13.78 16.59
CA LEU B 229 5.95 15.21 16.36
C LEU B 229 7.32 15.72 16.79
N ALA B 230 7.83 15.28 17.94
CA ALA B 230 9.11 15.76 18.46
C ALA B 230 10.25 14.96 17.81
N TRP B 231 10.43 15.20 16.51
CA TRP B 231 11.53 14.58 15.79
C TRP B 231 12.88 15.19 16.14
N ARG B 232 12.89 16.43 16.65
CA ARG B 232 14.11 17.07 17.09
C ARG B 232 14.40 16.87 18.58
N ASP B 233 13.41 16.48 19.36
CA ASP B 233 13.59 16.26 20.79
C ASP B 233 13.93 14.80 21.07
N PHE B 234 14.35 14.55 22.32
CA PHE B 234 14.72 13.21 22.78
C PHE B 234 15.82 12.60 21.93
N LYS B 235 16.70 13.44 21.39
CA LYS B 235 17.81 13.00 20.54
C LYS B 235 19.12 13.08 21.32
N ASN B 236 20.19 12.64 20.68
CA ASN B 236 21.51 12.61 21.27
C ASN B 236 22.52 13.10 20.25
N ALA B 237 23.79 13.11 20.65
CA ALA B 237 24.87 13.49 19.73
C ALA B 237 25.28 12.29 18.88
N PHE B 238 24.31 11.68 18.21
CA PHE B 238 24.52 10.50 17.38
C PHE B 238 24.22 10.83 15.92
N GLY B 239 24.69 9.95 15.04
CA GLY B 239 24.39 10.12 13.62
C GLY B 239 22.91 9.98 13.31
N LEU B 240 22.25 9.00 13.92
CA LEU B 240 20.80 8.81 13.75
C LEU B 240 20.17 8.61 15.11
N PRO B 241 20.02 9.68 15.88
CA PRO B 241 19.39 9.55 17.20
C PRO B 241 17.93 9.10 17.07
N ILE B 242 17.51 8.26 18.01
CA ILE B 242 16.20 7.59 18.03
C ILE B 242 15.66 7.35 16.62
N ARG B 243 14.98 8.33 16.06
CA ARG B 243 14.41 8.25 14.71
C ARG B 243 15.10 9.17 13.72
N ASP B 244 15.10 10.47 13.98
CA ASP B 244 15.80 11.46 13.18
C ASP B 244 15.41 11.38 11.70
N PHE B 245 14.14 11.66 11.43
CA PHE B 245 13.67 11.72 10.04
C PHE B 245 13.88 13.11 9.44
N SER B 246 15.13 13.57 9.44
CA SER B 246 15.44 14.79 8.71
C SER B 246 15.33 14.57 7.20
N LYS B 247 15.65 13.36 6.74
CA LYS B 247 15.55 13.05 5.31
C LYS B 247 14.11 13.11 4.83
N ILE B 248 13.16 12.64 5.64
CA ILE B 248 11.76 12.67 5.26
C ILE B 248 10.99 13.55 6.25
N GLU B 249 10.58 14.73 5.79
CA GLU B 249 9.89 15.68 6.65
C GLU B 249 8.56 16.13 6.08
N GLY B 250 8.47 16.33 4.77
CA GLY B 250 7.21 16.73 4.16
C GLY B 250 6.13 15.67 4.26
N HIS B 251 6.51 14.40 4.15
CA HIS B 251 5.54 13.32 4.27
C HIS B 251 4.91 13.31 5.66
N LEU B 252 5.72 13.53 6.69
CA LEU B 252 5.19 13.61 8.05
C LEU B 252 4.23 14.78 8.20
N ALA B 253 4.37 15.82 7.36
CA ALA B 253 3.42 16.92 7.35
C ALA B 253 2.17 16.62 6.52
N TRP B 254 2.21 15.58 5.69
CA TRP B 254 1.04 15.20 4.91
C TRP B 254 0.19 14.14 5.58
N THR B 255 0.80 13.25 6.36
CA THR B 255 0.04 12.26 7.12
C THR B 255 -0.67 12.87 8.31
N ILE B 256 -0.44 14.13 8.60
CA ILE B 256 -1.05 14.78 9.77
C ILE B 256 -2.16 15.74 9.40
N SER B 257 -2.15 16.31 8.19
CA SER B 257 -3.13 17.33 7.81
C SER B 257 -4.35 16.74 7.10
N THR B 258 -4.13 16.00 6.00
CA THR B 258 -5.24 15.44 5.27
C THR B 258 -6.03 14.43 6.10
N ALA B 259 -5.32 13.59 6.85
CA ALA B 259 -6.01 12.61 7.69
C ALA B 259 -6.85 13.30 8.76
N ALA B 260 -6.33 14.36 9.37
CA ALA B 260 -7.10 15.09 10.37
C ALA B 260 -8.19 15.95 9.75
N PHE B 261 -8.05 16.32 8.48
CA PHE B 261 -9.05 17.17 7.84
C PHE B 261 -10.35 16.43 7.60
N TYR B 262 -10.28 15.13 7.30
CA TYR B 262 -11.48 14.39 6.91
C TYR B 262 -12.50 14.35 8.04
N LYS B 263 -12.03 14.19 9.28
CA LYS B 263 -12.92 14.18 10.43
C LYS B 263 -13.37 15.58 10.86
N ALA B 264 -13.08 16.61 10.07
CA ALA B 264 -13.59 17.95 10.32
C ALA B 264 -14.93 18.20 9.63
N GLY B 265 -15.60 17.14 9.18
CA GLY B 265 -16.82 17.27 8.43
C GLY B 265 -16.64 17.52 6.95
N GLY B 266 -15.39 17.61 6.47
CA GLY B 266 -15.12 17.86 5.08
C GLY B 266 -14.57 16.65 4.36
N LYS B 267 -14.83 16.60 3.06
CA LYS B 267 -14.37 15.50 2.22
C LYS B 267 -13.13 15.94 1.45
N PRO B 268 -11.97 15.32 1.68
CA PRO B 268 -10.75 15.71 0.94
C PRO B 268 -10.87 15.45 -0.55
N TRP B 269 -11.15 14.20 -0.92
CA TRP B 269 -11.24 13.82 -2.33
C TRP B 269 -11.99 12.51 -2.45
N LYS B 270 -12.59 12.29 -3.61
CA LYS B 270 -13.34 11.07 -3.89
C LYS B 270 -13.05 10.61 -5.31
N LEU B 271 -13.64 9.48 -5.68
CA LEU B 271 -13.45 8.89 -6.99
C LEU B 271 -14.37 9.57 -8.01
N SER B 272 -13.80 9.96 -9.15
CA SER B 272 -14.53 10.69 -10.18
C SER B 272 -15.14 9.80 -11.24
N ASP B 273 -14.93 8.49 -11.18
CA ASP B 273 -15.38 7.57 -12.21
C ASP B 273 -16.08 6.36 -11.59
N VAL B 274 -17.00 6.63 -10.68
CA VAL B 274 -17.82 5.59 -10.06
C VAL B 274 -19.22 5.65 -10.68
N ARG B 275 -19.66 4.54 -11.26
CA ARG B 275 -20.98 4.50 -11.86
C ARG B 275 -22.06 4.61 -10.79
N ASN B 276 -23.20 5.18 -11.17
CA ASN B 276 -24.31 5.35 -10.24
C ASN B 276 -25.02 4.03 -10.00
N GLY B 277 -25.27 3.72 -8.73
CA GLY B 277 -26.04 2.55 -8.37
C GLY B 277 -25.26 1.32 -7.97
N VAL B 278 -24.03 1.47 -7.50
CA VAL B 278 -23.19 0.34 -7.12
C VAL B 278 -22.87 0.42 -5.64
N CYS B 279 -23.00 -0.71 -4.95
CA CYS B 279 -22.62 -0.86 -3.56
C CYS B 279 -21.54 -1.93 -3.45
N TYR B 280 -20.72 -1.82 -2.40
CA TYR B 280 -19.59 -2.72 -2.22
C TYR B 280 -19.76 -3.66 -1.03
N LEU B 281 -19.97 -3.13 0.17
CA LEU B 281 -20.34 -3.94 1.33
C LEU B 281 -19.27 -5.00 1.63
N GLY B 282 -18.09 -4.53 2.05
CA GLY B 282 -17.05 -5.42 2.50
C GLY B 282 -17.40 -6.08 3.82
N LEU B 283 -16.62 -7.09 4.18
CA LEU B 283 -16.84 -7.81 5.43
C LEU B 283 -15.52 -8.33 5.98
N VAL B 284 -15.47 -8.48 7.30
CA VAL B 284 -14.27 -8.92 8.00
C VAL B 284 -14.64 -10.02 8.99
N TYR B 285 -13.88 -11.12 8.97
CA TYR B 285 -14.04 -12.22 9.89
C TYR B 285 -12.73 -12.47 10.61
N LYS B 286 -12.76 -12.49 11.94
CA LYS B 286 -11.61 -12.94 12.71
C LYS B 286 -12.06 -13.21 14.15
N LYS B 287 -11.10 -13.61 14.99
CA LYS B 287 -11.34 -13.99 16.37
C LYS B 287 -11.39 -12.76 17.27
N VAL B 288 -12.31 -12.77 18.23
CA VAL B 288 -12.42 -11.72 19.22
C VAL B 288 -11.60 -12.10 20.44
N GLU B 289 -10.94 -11.12 21.06
CA GLU B 289 -9.99 -11.35 22.13
C GLU B 289 -10.56 -11.02 23.50
N LYS B 290 -11.84 -11.30 23.72
CA LYS B 290 -12.46 -11.08 25.02
C LYS B 290 -12.45 -12.35 25.86
N SER B 291 -12.84 -13.47 25.27
CA SER B 291 -12.87 -14.76 25.96
C SER B 291 -12.79 -15.87 24.92
N LYS B 292 -13.10 -17.09 25.34
CA LYS B 292 -13.12 -18.22 24.43
C LYS B 292 -14.32 -18.11 23.49
N ASN B 293 -14.48 -19.13 22.62
CA ASN B 293 -15.55 -19.16 21.64
C ASN B 293 -15.53 -17.87 20.82
N PRO B 294 -14.61 -17.76 19.85
CA PRO B 294 -14.44 -16.49 19.13
C PRO B 294 -15.71 -15.86 18.56
N ARG B 295 -16.76 -16.65 18.34
CA ARG B 295 -18.07 -16.23 17.84
C ARG B 295 -18.03 -15.76 16.38
N ASN B 296 -16.85 -15.69 15.76
CA ASN B 296 -16.69 -15.27 14.37
C ASN B 296 -17.42 -13.95 14.09
N ALA B 297 -16.92 -12.88 14.72
CA ALA B 297 -17.54 -11.57 14.57
C ALA B 297 -17.45 -11.08 13.14
N CYS B 298 -18.47 -10.33 12.72
CA CYS B 298 -18.57 -9.80 11.36
C CYS B 298 -18.87 -8.30 11.42
N CYS B 299 -18.72 -7.65 10.26
CA CYS B 299 -18.98 -6.22 10.14
C CYS B 299 -19.28 -5.92 8.67
N ALA B 300 -19.30 -4.63 8.33
CA ALA B 300 -19.61 -4.22 6.97
C ALA B 300 -18.92 -2.90 6.67
N ALA B 301 -18.73 -2.64 5.37
CA ALA B 301 -18.15 -1.39 4.90
C ALA B 301 -18.48 -1.26 3.42
N GLN B 302 -19.25 -0.24 3.06
CA GLN B 302 -19.78 -0.09 1.71
C GLN B 302 -19.53 1.31 1.17
N MET B 303 -19.15 1.39 -0.10
CA MET B 303 -19.00 2.65 -0.82
C MET B 303 -20.14 2.76 -1.83
N PHE B 304 -20.80 3.90 -1.85
CA PHE B 304 -21.92 4.08 -2.77
C PHE B 304 -22.04 5.56 -3.15
N LEU B 305 -22.68 5.79 -4.29
CA LEU B 305 -22.85 7.13 -4.84
C LEU B 305 -24.17 7.73 -4.39
N ASP B 306 -24.22 9.06 -4.38
CA ASP B 306 -25.40 9.82 -4.00
C ASP B 306 -25.97 10.54 -5.22
N ASN B 307 -27.00 11.34 -4.98
CA ASN B 307 -27.66 12.10 -6.05
C ASN B 307 -26.70 13.19 -6.56
N GLY B 308 -26.16 12.98 -7.75
CA GLY B 308 -25.20 13.92 -8.32
C GLY B 308 -23.92 13.26 -8.77
N ASP B 309 -22.79 13.74 -8.25
CA ASP B 309 -21.48 13.20 -8.60
C ASP B 309 -20.60 13.06 -7.36
N GLY B 310 -21.17 12.56 -6.28
CA GLY B 310 -20.42 12.40 -5.04
C GLY B 310 -20.59 11.04 -4.40
N THR B 311 -19.49 10.31 -4.23
CA THR B 311 -19.50 8.99 -3.62
C THR B 311 -19.49 9.13 -2.10
N VAL B 312 -20.28 8.29 -1.43
CA VAL B 312 -20.38 8.33 0.03
C VAL B 312 -19.37 7.34 0.61
N PHE B 313 -18.61 7.82 1.59
CA PHE B 313 -17.52 7.04 2.20
C PHE B 313 -17.95 6.69 3.62
N LYS B 314 -18.70 5.59 3.72
CA LYS B 314 -19.52 5.29 4.88
C LYS B 314 -19.36 3.83 5.28
N GLY B 315 -19.42 3.56 6.59
CA GLY B 315 -19.20 2.22 7.10
C GLY B 315 -20.23 1.77 8.13
N GLU B 316 -20.90 0.65 7.88
CA GLU B 316 -22.04 0.24 8.68
C GLU B 316 -21.73 -1.04 9.44
N VAL B 317 -22.40 -1.23 10.58
CA VAL B 317 -22.23 -2.40 11.43
C VAL B 317 -23.51 -3.21 11.39
N GLY B 318 -23.38 -4.51 11.12
CA GLY B 318 -24.53 -5.37 10.98
C GLY B 318 -24.62 -6.46 12.04
N PRO B 319 -24.31 -7.68 11.65
CA PRO B 319 -24.58 -8.83 12.52
C PRO B 319 -23.68 -8.82 13.76
N TRP B 320 -24.15 -9.53 14.78
CA TRP B 320 -23.42 -9.65 16.04
C TRP B 320 -22.38 -10.76 15.96
N TYR B 321 -22.84 -11.99 15.72
CA TYR B 321 -21.97 -13.17 15.69
C TYR B 321 -22.74 -14.42 15.28
N ASN B 322 -22.04 -15.53 15.11
CA ASN B 322 -22.63 -16.79 14.69
C ASN B 322 -22.02 -17.92 15.50
N PRO B 323 -22.71 -19.07 15.61
CA PRO B 323 -22.22 -20.16 16.46
C PRO B 323 -20.95 -20.83 15.95
N LYS B 324 -20.36 -21.67 16.81
CA LYS B 324 -19.16 -22.46 16.59
C LYS B 324 -17.98 -21.61 16.13
N ASN B 325 -16.84 -22.23 15.85
CA ASN B 325 -15.56 -21.52 15.83
C ASN B 325 -14.98 -21.34 14.44
N GLY B 326 -14.71 -22.42 13.71
CA GLY B 326 -14.12 -22.23 12.40
C GLY B 326 -15.04 -22.53 11.23
N GLN B 327 -15.65 -21.49 10.67
CA GLN B 327 -16.28 -21.57 9.35
C GLN B 327 -16.01 -20.37 8.46
N TYR B 328 -15.78 -19.18 9.03
CA TYR B 328 -15.69 -17.93 8.26
C TYR B 328 -16.90 -17.74 7.37
N HIS B 329 -18.08 -18.06 7.90
CA HIS B 329 -19.34 -17.92 7.19
C HIS B 329 -20.44 -17.64 8.20
N LEU B 330 -21.58 -17.14 7.70
CA LEU B 330 -22.71 -16.78 8.54
C LEU B 330 -23.95 -17.57 8.15
N GLU B 331 -24.81 -17.81 9.13
CA GLU B 331 -26.04 -18.55 8.89
C GLU B 331 -27.06 -17.67 8.16
N PRO B 332 -28.04 -18.28 7.49
CA PRO B 332 -29.06 -17.48 6.80
C PRO B 332 -29.88 -16.57 7.71
N LYS B 333 -30.11 -16.98 8.96
CA LYS B 333 -31.03 -16.23 9.81
C LYS B 333 -30.50 -14.83 10.11
N GLU B 334 -29.20 -14.69 10.34
CA GLU B 334 -28.61 -13.37 10.51
C GLU B 334 -28.19 -12.74 9.20
N ALA B 335 -28.24 -13.48 8.10
CA ALA B 335 -27.90 -12.91 6.80
C ALA B 335 -28.99 -11.96 6.31
N LYS B 336 -30.23 -12.15 6.77
CA LYS B 336 -31.31 -11.26 6.34
C LYS B 336 -31.03 -9.83 6.77
N ALA B 337 -30.62 -9.64 8.02
CA ALA B 337 -30.42 -8.29 8.54
C ALA B 337 -29.22 -7.61 7.87
N LEU B 338 -28.17 -8.39 7.58
CA LEU B 338 -26.95 -7.81 7.02
C LEU B 338 -27.22 -7.13 5.68
N LEU B 339 -28.01 -7.76 4.82
CA LEU B 339 -28.35 -7.15 3.55
C LEU B 339 -29.53 -6.19 3.66
N SER B 340 -30.46 -6.45 4.57
CA SER B 340 -31.62 -5.58 4.73
C SER B 340 -31.22 -4.19 5.23
N GLN B 341 -30.26 -4.13 6.15
CA GLN B 341 -29.78 -2.84 6.64
C GLN B 341 -29.15 -2.02 5.51
N SER B 342 -28.35 -2.67 4.65
CA SER B 342 -27.75 -1.97 3.53
C SER B 342 -28.82 -1.50 2.56
N LEU B 343 -29.82 -2.35 2.30
CA LEU B 343 -30.92 -1.97 1.42
C LEU B 343 -31.64 -0.75 1.95
N GLN B 344 -32.01 -0.75 3.23
CA GLN B 344 -32.78 0.35 3.78
C GLN B 344 -31.93 1.62 3.87
N SER B 345 -30.65 1.50 4.20
CA SER B 345 -29.77 2.66 4.19
C SER B 345 -29.69 3.26 2.80
N TYR B 346 -29.54 2.40 1.79
CA TYR B 346 -29.48 2.88 0.42
C TYR B 346 -30.78 3.57 0.04
N LYS B 347 -31.92 3.05 0.50
CA LYS B 347 -33.21 3.69 0.25
C LYS B 347 -33.26 5.08 0.88
N GLU B 348 -33.20 5.14 2.21
CA GLU B 348 -33.35 6.46 2.85
C GLU B 348 -32.17 7.42 2.59
N GLN B 349 -30.95 7.16 2.13
CA GLN B 349 -30.10 8.27 1.72
C GLN B 349 -29.77 8.31 0.23
N ILE B 350 -30.39 7.47 -0.60
CA ILE B 350 -30.28 7.61 -2.04
C ILE B 350 -31.67 7.58 -2.66
N GLY B 351 -32.42 6.51 -2.42
CA GLY B 351 -33.82 6.46 -2.83
C GLY B 351 -34.17 5.44 -3.90
N GLU B 352 -33.33 5.30 -4.92
CA GLU B 352 -33.64 4.44 -6.05
C GLU B 352 -32.97 3.07 -5.90
N TYR B 353 -33.39 2.14 -6.74
CA TYR B 353 -32.90 0.77 -6.70
C TYR B 353 -31.48 0.70 -7.23
N PRO B 354 -30.63 -0.16 -6.66
CA PRO B 354 -29.28 -0.36 -7.21
C PRO B 354 -29.30 -1.19 -8.48
N LYS B 355 -28.13 -1.49 -9.02
CA LYS B 355 -28.00 -2.40 -10.14
C LYS B 355 -26.96 -3.50 -9.93
N GLU B 356 -25.91 -3.24 -9.17
CA GLU B 356 -24.86 -4.22 -8.93
C GLU B 356 -24.24 -3.98 -7.56
N VAL B 357 -24.24 -5.01 -6.72
CA VAL B 357 -23.61 -4.96 -5.41
C VAL B 357 -22.50 -6.01 -5.40
N PHE B 358 -21.25 -5.56 -5.26
CA PHE B 358 -20.09 -6.44 -5.32
C PHE B 358 -19.57 -6.67 -3.91
N ILE B 359 -20.16 -7.65 -3.23
CA ILE B 359 -19.77 -7.97 -1.87
C ILE B 359 -18.34 -8.51 -1.87
N HIS B 360 -17.48 -7.89 -1.09
CA HIS B 360 -16.07 -8.27 -1.02
C HIS B 360 -15.79 -9.07 0.25
N ALA B 361 -14.86 -10.01 0.14
CA ALA B 361 -14.51 -10.88 1.26
C ALA B 361 -13.09 -11.38 1.07
N LYS B 362 -12.52 -11.87 2.18
CA LYS B 362 -11.18 -12.44 2.16
C LYS B 362 -11.18 -13.96 2.18
N THR B 363 -12.25 -14.59 2.65
CA THR B 363 -12.37 -16.04 2.72
C THR B 363 -13.33 -16.53 1.65
N ARG B 364 -13.34 -17.84 1.43
CA ARG B 364 -14.20 -18.43 0.43
C ARG B 364 -15.67 -18.26 0.82
N PHE B 365 -16.51 -18.12 -0.20
CA PHE B 365 -17.95 -17.98 0.00
C PHE B 365 -18.60 -19.36 0.07
N ASN B 366 -19.92 -19.36 0.24
CA ASN B 366 -20.70 -20.60 0.23
C ASN B 366 -22.15 -20.26 -0.07
N HIS B 367 -22.89 -21.28 -0.51
CA HIS B 367 -24.31 -21.10 -0.79
C HIS B 367 -25.15 -21.01 0.47
N GLN B 368 -24.59 -21.37 1.62
CA GLN B 368 -25.33 -21.28 2.88
C GLN B 368 -25.79 -19.86 3.16
N GLU B 369 -25.02 -18.87 2.72
CA GLU B 369 -25.45 -17.48 2.82
C GLU B 369 -26.04 -16.95 1.53
N TRP B 370 -25.64 -17.51 0.38
CA TRP B 370 -26.17 -17.03 -0.90
C TRP B 370 -27.65 -17.34 -1.04
N ASP B 371 -28.10 -18.48 -0.50
CA ASP B 371 -29.52 -18.81 -0.57
C ASP B 371 -30.37 -17.78 0.16
N ALA B 372 -29.89 -17.29 1.30
CA ALA B 372 -30.61 -16.23 2.02
C ALA B 372 -30.45 -14.89 1.32
N PHE B 373 -29.27 -14.62 0.76
CA PHE B 373 -29.01 -13.31 0.18
C PHE B 373 -29.77 -13.09 -1.12
N LEU B 374 -30.00 -14.15 -1.89
CA LEU B 374 -30.64 -13.98 -3.20
C LEU B 374 -32.08 -13.52 -3.08
N GLU B 375 -32.78 -13.92 -2.02
CA GLU B 375 -34.17 -13.49 -1.85
C GLU B 375 -34.27 -12.05 -1.35
N VAL B 376 -33.31 -11.61 -0.55
CA VAL B 376 -33.36 -10.25 -0.01
C VAL B 376 -33.21 -9.22 -1.12
N THR B 377 -32.27 -9.44 -2.03
CA THR B 377 -32.02 -8.47 -3.08
C THR B 377 -33.19 -8.43 -4.06
N PRO B 378 -33.54 -7.26 -4.57
CA PRO B 378 -34.61 -7.17 -5.57
C PRO B 378 -34.22 -7.86 -6.87
N LYS B 379 -35.24 -8.12 -7.70
CA LYS B 379 -35.01 -8.77 -8.98
C LYS B 379 -34.16 -7.92 -9.91
N GLU B 380 -34.36 -6.60 -9.91
CA GLU B 380 -33.62 -5.70 -10.78
C GLU B 380 -32.15 -5.61 -10.41
N THR B 381 -31.77 -6.03 -9.21
CA THR B 381 -30.39 -5.92 -8.72
C THR B 381 -29.71 -7.28 -8.84
N ASN B 382 -28.49 -7.28 -9.38
CA ASN B 382 -27.70 -8.49 -9.50
C ASN B 382 -26.71 -8.56 -8.33
N LEU B 383 -26.62 -9.73 -7.72
CA LEU B 383 -25.77 -9.95 -6.55
C LEU B 383 -24.55 -10.75 -6.98
N VAL B 384 -23.36 -10.24 -6.64
CA VAL B 384 -22.09 -10.88 -7.00
C VAL B 384 -21.21 -10.93 -5.77
N GLY B 385 -20.68 -12.11 -5.46
CA GLY B 385 -19.76 -12.29 -4.36
C GLY B 385 -18.33 -12.44 -4.87
N VAL B 386 -17.44 -11.66 -4.28
CA VAL B 386 -16.04 -11.60 -4.71
C VAL B 386 -15.14 -11.88 -3.51
N THR B 387 -14.17 -12.77 -3.69
CA THR B 387 -13.21 -13.12 -2.65
C THR B 387 -11.80 -12.76 -3.11
N ILE B 388 -11.07 -12.02 -2.26
CA ILE B 388 -9.69 -11.64 -2.53
C ILE B 388 -8.83 -12.14 -1.38
N SER B 389 -7.77 -12.88 -1.71
CA SER B 389 -6.86 -13.45 -0.73
C SER B 389 -5.42 -13.13 -1.10
N LYS B 390 -4.51 -13.49 -0.21
CA LYS B 390 -3.09 -13.23 -0.36
C LYS B 390 -2.29 -14.51 -0.19
N THR B 391 -2.85 -15.64 -0.65
CA THR B 391 -2.24 -16.94 -0.47
C THR B 391 -1.67 -17.50 -1.78
N LYS B 392 -1.39 -16.63 -2.75
CA LYS B 392 -0.83 -17.03 -4.04
C LYS B 392 0.52 -16.38 -4.23
N PRO B 393 1.61 -16.99 -3.76
CA PRO B 393 2.93 -16.35 -3.86
C PRO B 393 3.47 -16.35 -5.28
N LEU B 394 3.00 -15.43 -6.10
CA LEU B 394 3.49 -15.25 -7.47
C LEU B 394 4.41 -14.04 -7.50
N LYS B 395 5.55 -14.19 -8.18
CA LYS B 395 6.48 -13.09 -8.39
C LYS B 395 6.88 -13.07 -9.87
N LEU B 396 6.79 -11.90 -10.49
CA LEU B 396 7.26 -11.69 -11.85
C LEU B 396 8.59 -10.97 -11.84
N TYR B 397 9.43 -11.28 -12.83
CA TYR B 397 10.71 -10.63 -13.01
C TYR B 397 10.85 -10.25 -14.47
N LYS B 398 11.50 -9.11 -14.72
CA LYS B 398 11.74 -8.65 -16.07
C LYS B 398 13.11 -9.12 -16.53
N THR B 399 13.58 -8.60 -17.66
CA THR B 399 14.87 -9.02 -18.21
C THR B 399 16.01 -8.61 -17.28
N GLU B 400 16.21 -7.30 -17.11
CA GLU B 400 17.30 -6.79 -16.29
C GLU B 400 16.88 -5.46 -15.67
N GLY B 401 17.56 -5.08 -14.59
CA GLY B 401 17.34 -3.79 -13.98
C GLY B 401 16.83 -3.84 -12.55
N ASP B 402 17.18 -2.85 -11.75
CA ASP B 402 16.67 -2.75 -10.40
C ASP B 402 15.26 -2.17 -10.35
N TYR B 403 14.78 -1.61 -11.45
CA TYR B 403 13.40 -1.16 -11.55
C TYR B 403 12.48 -2.36 -11.75
N THR B 404 11.38 -2.38 -10.99
CA THR B 404 10.51 -3.56 -10.91
C THR B 404 9.27 -3.38 -11.76
N ILE B 405 8.33 -4.32 -11.62
CA ILE B 405 7.10 -4.29 -12.41
C ILE B 405 6.27 -3.05 -12.08
N LEU B 406 5.39 -2.68 -13.00
CA LEU B 406 4.50 -1.55 -12.83
C LEU B 406 3.36 -1.94 -11.88
N ARG B 407 2.35 -1.08 -11.77
CA ARG B 407 1.17 -1.33 -10.97
C ARG B 407 -0.06 -1.05 -11.84
N GLY B 408 -0.80 -2.10 -12.17
CA GLY B 408 -1.98 -1.95 -12.98
C GLY B 408 -2.18 -3.05 -14.01
N ASN B 409 -1.08 -3.69 -14.43
CA ASN B 409 -1.18 -4.77 -15.39
C ASN B 409 -1.91 -5.97 -14.78
N ALA B 410 -2.59 -6.72 -15.64
CA ALA B 410 -3.41 -7.84 -15.21
C ALA B 410 -3.11 -9.08 -16.04
N TYR B 411 -3.18 -10.24 -15.41
CA TYR B 411 -3.03 -11.53 -16.08
C TYR B 411 -4.37 -12.26 -16.02
N VAL B 412 -5.13 -12.20 -17.11
CA VAL B 412 -6.43 -12.84 -17.18
C VAL B 412 -6.25 -14.32 -17.45
N VAL B 413 -7.06 -15.14 -16.78
CA VAL B 413 -7.06 -16.59 -16.95
C VAL B 413 -8.35 -17.07 -17.60
N ASN B 414 -9.48 -16.83 -16.93
CA ASN B 414 -10.80 -17.18 -17.45
C ASN B 414 -11.81 -16.29 -16.75
N GLU B 415 -13.09 -16.62 -16.87
CA GLU B 415 -14.13 -15.84 -16.18
C GLU B 415 -14.42 -16.40 -14.80
N ARG B 416 -13.36 -16.68 -14.05
CA ARG B 416 -13.50 -17.07 -12.64
C ARG B 416 -12.58 -16.28 -11.72
N SER B 417 -11.37 -15.94 -12.16
CA SER B 417 -10.40 -15.24 -11.34
C SER B 417 -9.42 -14.51 -12.24
N ALA B 418 -8.49 -13.78 -11.64
CA ALA B 418 -7.51 -13.02 -12.38
C ALA B 418 -6.33 -12.69 -11.48
N PHE B 419 -5.24 -12.24 -12.09
CA PHE B 419 -4.04 -11.80 -11.39
C PHE B 419 -3.83 -10.32 -11.69
N LEU B 420 -3.79 -9.50 -10.64
CA LEU B 420 -3.60 -8.07 -10.76
C LEU B 420 -2.49 -7.62 -9.83
N TRP B 421 -1.55 -6.84 -10.37
CA TRP B 421 -0.40 -6.34 -9.61
C TRP B 421 -0.72 -4.93 -9.13
N THR B 422 -1.21 -4.82 -7.89
CA THR B 422 -1.44 -3.53 -7.27
C THR B 422 -0.21 -2.99 -6.56
N VAL B 423 0.87 -3.76 -6.50
CA VAL B 423 2.12 -3.35 -5.86
C VAL B 423 3.22 -3.40 -6.90
N GLY B 424 4.01 -2.34 -6.99
CA GLY B 424 5.08 -2.30 -7.97
C GLY B 424 5.73 -0.93 -8.02
N TYR B 425 6.06 -0.51 -9.23
CA TYR B 425 6.70 0.78 -9.47
C TYR B 425 5.76 1.71 -10.22
N VAL B 426 5.75 2.97 -9.83
CA VAL B 426 5.05 4.01 -10.59
C VAL B 426 6.03 5.16 -10.82
N PRO B 427 6.00 5.80 -12.00
CA PRO B 427 6.96 6.88 -12.27
C PRO B 427 6.81 8.09 -11.37
N LYS B 428 5.64 8.29 -10.75
CA LYS B 428 5.46 9.46 -9.90
C LYS B 428 6.31 9.37 -8.64
N ILE B 429 6.42 8.19 -8.03
CA ILE B 429 7.23 8.02 -6.84
C ILE B 429 8.67 7.64 -7.18
N GLN B 430 8.95 7.20 -8.41
CA GLN B 430 10.30 6.85 -8.85
C GLN B 430 10.95 5.81 -7.95
N THR B 431 10.14 4.88 -7.45
CA THR B 431 10.64 3.79 -6.62
C THR B 431 9.59 2.70 -6.57
N ALA B 432 9.98 1.56 -6.02
CA ALA B 432 9.05 0.46 -5.81
C ALA B 432 8.27 0.67 -4.52
N LEU B 433 6.96 0.41 -4.59
CA LEU B 433 6.12 0.57 -3.40
C LEU B 433 6.48 -0.43 -2.31
N SER B 434 7.14 -1.53 -2.65
CA SER B 434 7.57 -2.54 -1.69
C SER B 434 9.09 -2.61 -1.66
N MET B 435 9.60 -3.18 -0.57
CA MET B 435 11.03 -3.32 -0.37
C MET B 435 11.63 -4.51 -1.10
N GLU B 436 10.79 -5.39 -1.67
CA GLU B 436 11.26 -6.58 -2.36
C GLU B 436 10.39 -6.79 -3.59
N VAL B 437 10.47 -7.98 -4.16
CA VAL B 437 9.67 -8.30 -5.34
C VAL B 437 8.19 -8.31 -4.96
N PRO B 438 7.34 -7.57 -5.66
CA PRO B 438 5.92 -7.49 -5.26
C PRO B 438 5.18 -8.80 -5.48
N ASN B 439 4.13 -8.98 -4.69
CA ASN B 439 3.26 -10.15 -4.78
C ASN B 439 1.84 -9.71 -5.09
N PRO B 440 1.29 -10.04 -6.26
CA PRO B 440 -0.04 -9.56 -6.63
C PRO B 440 -1.16 -10.17 -5.79
N LEU B 441 -2.39 -9.76 -6.06
CA LEU B 441 -3.58 -10.26 -5.37
C LEU B 441 -4.24 -11.37 -6.17
N PHE B 442 -5.28 -11.96 -5.58
CA PHE B 442 -6.07 -13.00 -6.22
C PHE B 442 -7.54 -12.65 -6.06
N ILE B 443 -8.13 -12.08 -7.11
CA ILE B 443 -9.53 -11.67 -7.11
C ILE B 443 -10.33 -12.68 -7.91
N GLU B 444 -11.33 -13.28 -7.26
CA GLU B 444 -12.17 -14.29 -7.90
C GLU B 444 -13.64 -14.00 -7.61
N ILE B 445 -14.49 -14.33 -8.57
CA ILE B 445 -15.93 -14.18 -8.44
C ILE B 445 -16.49 -15.52 -8.01
N ASN B 446 -16.81 -15.64 -6.72
CA ASN B 446 -17.35 -16.91 -6.21
C ASN B 446 -18.73 -17.19 -6.79
N LYS B 447 -19.61 -16.19 -6.78
CA LYS B 447 -20.95 -16.32 -7.34
C LYS B 447 -21.31 -15.04 -8.06
N GLY B 448 -22.20 -15.16 -9.04
CA GLY B 448 -22.55 -14.08 -9.93
C GLY B 448 -21.76 -14.15 -11.22
N GLU B 449 -22.08 -13.22 -12.12
CA GLU B 449 -21.43 -13.17 -13.43
C GLU B 449 -20.52 -11.95 -13.57
N ALA B 450 -21.06 -10.74 -13.39
CA ALA B 450 -20.29 -9.50 -13.45
C ALA B 450 -19.39 -9.44 -14.67
N ASP B 451 -18.18 -8.92 -14.50
CA ASP B 451 -17.18 -8.88 -15.57
C ASP B 451 -15.80 -8.77 -14.93
N ILE B 452 -14.88 -9.62 -15.36
CA ILE B 452 -13.52 -9.60 -14.81
C ILE B 452 -12.85 -8.27 -15.11
N LYS B 453 -12.95 -7.82 -16.37
CA LYS B 453 -12.34 -6.55 -16.74
C LYS B 453 -13.00 -5.38 -16.01
N GLN B 454 -14.25 -5.54 -15.59
CA GLN B 454 -14.94 -4.48 -14.86
C GLN B 454 -14.64 -4.56 -13.36
N VAL B 455 -14.61 -5.77 -12.80
CA VAL B 455 -14.32 -5.90 -11.38
C VAL B 455 -12.87 -5.53 -11.09
N LEU B 456 -11.96 -5.77 -12.05
CA LEU B 456 -10.58 -5.37 -11.85
C LEU B 456 -10.44 -3.86 -11.80
N LYS B 457 -11.20 -3.14 -12.63
CA LYS B 457 -11.20 -1.68 -12.57
C LYS B 457 -11.72 -1.19 -11.24
N ASP B 458 -12.73 -1.86 -10.67
CA ASP B 458 -13.26 -1.47 -9.38
C ASP B 458 -12.22 -1.62 -8.28
N ILE B 459 -11.46 -2.72 -8.30
CA ILE B 459 -10.44 -2.93 -7.27
C ILE B 459 -9.37 -1.84 -7.34
N LEU B 460 -8.90 -1.53 -8.54
CA LEU B 460 -7.88 -0.49 -8.70
C LEU B 460 -8.40 0.87 -8.24
N SER B 461 -9.64 1.21 -8.59
CA SER B 461 -10.23 2.45 -8.14
C SER B 461 -10.44 2.47 -6.63
N LEU B 462 -10.86 1.33 -6.07
CA LEU B 462 -11.16 1.27 -4.64
C LEU B 462 -9.89 1.23 -3.80
N THR B 463 -8.75 0.87 -4.39
CA THR B 463 -7.49 0.91 -3.65
C THR B 463 -7.12 2.35 -3.28
N LYS B 464 -7.28 3.28 -4.22
CA LYS B 464 -6.84 4.66 -4.03
C LYS B 464 -7.93 5.48 -3.32
N LEU B 465 -8.33 4.98 -2.16
CA LEU B 465 -9.31 5.66 -1.32
C LEU B 465 -8.84 5.67 0.13
N ASN B 466 -7.57 6.03 0.33
CA ASN B 466 -6.95 5.99 1.66
C ASN B 466 -6.98 7.40 2.26
N TYR B 467 -7.65 7.53 3.40
CA TYR B 467 -7.73 8.81 4.08
C TYR B 467 -6.79 8.93 5.28
N ASN B 468 -6.49 7.82 5.94
CA ASN B 468 -5.56 7.87 7.07
C ASN B 468 -4.16 8.27 6.65
N ALA B 469 -3.82 8.10 5.37
CA ALA B 469 -2.54 8.51 4.82
C ALA B 469 -2.79 9.28 3.53
N CYS B 470 -1.71 9.86 2.98
CA CYS B 470 -1.77 10.60 1.73
C CYS B 470 -0.81 9.99 0.72
N ILE B 471 -0.55 8.69 0.85
CA ILE B 471 0.32 8.00 -0.08
C ILE B 471 -0.39 7.87 -1.43
N PHE B 472 0.41 7.76 -2.50
CA PHE B 472 -0.17 7.64 -3.83
C PHE B 472 -1.03 6.40 -3.96
N ALA B 473 -0.59 5.28 -3.38
CA ALA B 473 -1.36 4.06 -3.41
C ALA B 473 -0.98 3.20 -2.22
N ASP B 474 -1.83 2.23 -1.91
CA ASP B 474 -1.61 1.29 -0.82
C ASP B 474 -1.59 -0.13 -1.38
N GLY B 475 -1.16 -1.07 -0.55
CA GLY B 475 -1.00 -2.45 -1.00
C GLY B 475 -2.28 -3.24 -1.07
N GLU B 476 -3.34 -2.74 -0.44
CA GLU B 476 -4.61 -3.44 -0.39
C GLU B 476 -5.74 -2.46 -0.68
N PRO B 477 -6.86 -2.94 -1.20
CA PRO B 477 -8.04 -2.08 -1.33
C PRO B 477 -8.50 -1.59 0.03
N VAL B 478 -9.11 -0.40 0.04
CA VAL B 478 -9.44 0.24 1.32
C VAL B 478 -10.37 -0.64 2.13
N THR B 479 -11.32 -1.31 1.47
CA THR B 479 -12.19 -2.23 2.18
C THR B 479 -11.43 -3.41 2.77
N LEU B 480 -10.23 -3.69 2.25
CA LEU B 480 -9.36 -4.72 2.81
C LEU B 480 -8.15 -4.12 3.53
N ARG B 481 -7.68 -2.95 3.10
CA ARG B 481 -6.59 -2.28 3.81
C ARG B 481 -7.03 -1.94 5.22
N PHE B 482 -8.26 -1.45 5.38
CA PHE B 482 -8.81 -1.14 6.69
C PHE B 482 -9.67 -2.26 7.23
N ALA B 483 -9.61 -3.45 6.62
CA ALA B 483 -10.40 -4.58 7.12
C ALA B 483 -10.00 -4.92 8.55
N ASP B 484 -8.69 -5.03 8.81
CA ASP B 484 -8.23 -5.30 10.16
C ASP B 484 -8.61 -4.18 11.12
N LYS B 485 -8.49 -2.93 10.66
CA LYS B 485 -8.83 -1.79 11.52
C LYS B 485 -10.29 -1.84 11.92
N ILE B 486 -11.19 -2.11 10.98
CA ILE B 486 -12.61 -2.16 11.28
C ILE B 486 -12.92 -3.37 12.17
N GLY B 487 -12.29 -4.51 11.90
CA GLY B 487 -12.51 -5.67 12.74
C GLY B 487 -12.10 -5.42 14.18
N GLU B 488 -10.96 -4.77 14.40
CA GLU B 488 -10.50 -4.52 15.75
C GLU B 488 -11.27 -3.39 16.43
N ILE B 489 -11.73 -2.40 15.66
CA ILE B 489 -12.54 -1.34 16.26
C ILE B 489 -13.91 -1.87 16.65
N LEU B 490 -14.43 -2.86 15.92
CA LEU B 490 -15.70 -3.48 16.31
C LEU B 490 -15.55 -4.39 17.52
N THR B 491 -14.47 -5.18 17.57
CA THR B 491 -14.30 -6.10 18.69
C THR B 491 -13.99 -5.37 20.00
N ALA B 492 -13.58 -4.10 19.93
CA ALA B 492 -13.39 -3.32 21.14
C ALA B 492 -14.73 -3.01 21.81
N SER B 493 -15.77 -2.73 21.01
CA SER B 493 -17.12 -2.45 21.52
C SER B 493 -18.10 -3.32 20.73
N THR B 494 -18.29 -4.55 21.20
CA THR B 494 -19.26 -5.45 20.56
C THR B 494 -20.69 -5.05 20.90
N ASP B 495 -20.93 -4.61 22.13
CA ASP B 495 -22.27 -4.24 22.57
C ASP B 495 -22.69 -2.92 21.94
N ILE B 496 -23.97 -2.59 22.14
CA ILE B 496 -24.61 -1.38 21.59
C ILE B 496 -24.63 -1.43 20.07
N LYS B 497 -25.82 -1.64 19.50
CA LYS B 497 -26.00 -1.66 18.06
C LYS B 497 -25.87 -0.25 17.51
N THR B 498 -24.81 0.00 16.74
CA THR B 498 -24.61 1.32 16.16
C THR B 498 -25.53 1.52 14.96
N PRO B 499 -26.00 2.74 14.73
CA PRO B 499 -26.83 3.03 13.57
C PRO B 499 -25.98 3.08 12.30
N PRO B 500 -26.62 3.17 11.13
CA PRO B 500 -25.84 3.31 9.89
C PRO B 500 -25.10 4.63 9.83
N LEU B 501 -24.00 4.73 10.58
CA LEU B 501 -23.21 5.93 10.67
C LEU B 501 -22.04 5.90 9.68
N ALA B 502 -21.52 7.08 9.34
CA ALA B 502 -20.54 7.21 8.28
C ALA B 502 -19.15 6.79 8.74
N PHE B 503 -18.27 6.54 7.77
CA PHE B 503 -16.94 6.04 8.09
C PHE B 503 -16.09 7.12 8.75
N LYS B 504 -16.57 8.37 8.77
CA LYS B 504 -15.88 9.46 9.46
C LYS B 504 -15.41 9.07 10.84
N TYR B 505 -16.17 8.23 11.54
CA TYR B 505 -16.00 8.05 12.96
C TYR B 505 -15.14 6.85 13.33
N TYR B 506 -14.77 6.02 12.36
CA TYR B 506 -13.95 4.84 12.62
C TYR B 506 -12.47 5.23 12.71
N ILE B 507 -11.61 4.20 12.68
CA ILE B 507 -10.15 4.29 12.64
C ILE B 507 -9.58 5.44 13.46
#